data_7BL0
#
_entry.id   7BL0
#
loop_
_entity.id
_entity.type
_entity.pdbx_description
1 polymer GA(CH+)C(5MeCH+)
2 polymer GAC(HCY)(5MeC)
#
loop_
_entity_poly.entity_id
_entity_poly.type
_entity_poly.pdbx_seq_one_letter_code
_entity_poly.pdbx_strand_id
1 'polydeoxyribonucleotide' (DG)(DA)(DNR)(DC)(U48) A,C
2 'polydeoxyribonucleotide' (DG)(DA)(DC)(DNR)(5CM) B,D
#
loop_
_chem_comp.id
_chem_comp.type
_chem_comp.name
_chem_comp.formula
5CM DNA linking 5-METHYL-2'-DEOXY-CYTIDINE-5'-MONOPHOSPHATE 'C10 H16 N3 O7 P'
DA DNA linking 2'-DEOXYADENOSINE-5'-MONOPHOSPHATE 'C10 H14 N5 O6 P'
DC DNA linking 2'-DEOXYCYTIDINE-5'-MONOPHOSPHATE 'C9 H14 N3 O7 P'
DG DNA linking 2'-DEOXYGUANOSINE-5'-MONOPHOSPHATE 'C10 H14 N5 O7 P'
DNR DNA linking '2'-DEOXY-N3-PROTONATED CYTIDINE-5'-MONOPHOSPHATE' 'C9 H15 N3 O7 P 1'
U48 DNA linking '5-METHYL-2'-DEOXY-N3-PROTONATED CYTIDINE-5'-MONOPHOSPHATE' 'C10 H17 N3 O7 P 1'
#
# COMPACT_ATOMS: atom_id res chain seq x y z
P DNR A 3 -1.47 -12.84 -0.42
OP1 DNR A 3 -0.93 -13.89 0.50
OP2 DNR A 3 -2.85 -12.38 -0.09
O5' DNR A 3 -0.45 -11.59 -0.57
C5' DNR A 3 0.97 -11.78 -0.48
C4' DNR A 3 1.68 -10.44 -0.81
O4' DNR A 3 1.39 -10.05 -2.17
C1' DNR A 3 1.25 -8.63 -2.33
N1 DNR A 3 -0.06 -8.29 -2.93
C6 DNR A 3 -1.26 -8.77 -2.35
C2 DNR A 3 -0.15 -7.34 -3.96
O2 DNR A 3 0.83 -6.89 -4.52
N3 DNR A 3 -1.44 -6.89 -4.34
C4 DNR A 3 -2.56 -7.32 -3.78
N4 DNR A 3 -3.74 -6.80 -4.19
C5 DNR A 3 -2.57 -8.32 -2.75
C2' DNR A 3 1.44 -8.04 -0.91
C3' DNR A 3 1.23 -9.23 0.03
O3' DNR A 3 2.04 -9.11 1.21
H5' DNR A 3 1.28 -12.56 -1.18
H5'' DNR A 3 1.23 -12.11 0.53
H4' DNR A 3 2.77 -10.57 -0.71
H1' DNR A 3 2.07 -8.30 -2.97
H6 DNR A 3 -1.14 -9.53 -1.58
HN3 DNR A 3 -1.60 -6.20 -5.08
H41 DNR A 3 -3.76 -6.10 -4.92
H42 DNR A 3 -4.60 -7.12 -3.78
H5 DNR A 3 -3.49 -8.69 -2.32
H2' DNR A 3 0.75 -7.23 -0.69
H2'' DNR A 3 2.46 -7.66 -0.81
H3' DNR A 3 0.17 -9.33 0.32
C2 U48 A 5 2.67 2.35 3.64
O2 U48 A 5 3.37 2.89 2.82
C4 U48 A 5 0.48 2.24 4.75
C5 U48 A 5 0.87 1.13 5.58
C6 U48 A 5 2.20 0.66 5.36
OP1 U48 A 5 7.09 -4.52 5.53
P U48 A 5 5.67 -4.61 5.04
OP2 U48 A 5 5.02 -5.93 5.32
O5' U48 A 5 4.77 -3.36 5.62
C5' U48 A 5 5.42 -2.12 6.01
C4' U48 A 5 5.71 -1.23 4.77
O4' U48 A 5 4.44 -0.75 4.28
C3' U48 A 5 6.53 0.03 5.14
O3' U48 A 5 7.46 0.34 4.09
C2' U48 A 5 5.48 1.13 5.22
C1' U48 A 5 4.43 0.69 4.20
N1 U48 A 5 3.07 1.24 4.40
C5M U48 A 5 -0.07 0.49 6.60
N4 U48 A 5 -0.76 2.79 4.79
N3 U48 A 5 1.37 2.80 3.86
H6 U48 A 5 2.63 -0.18 5.91
H5' U48 A 5 4.76 -1.59 6.71
H5'' U48 A 5 6.34 -2.34 6.57
H4' U48 A 5 6.23 -1.82 4.00
H3' U48 A 5 7.07 -0.09 6.09
H3T U48 A 5 8.18 0.87 4.46
H2' U48 A 5 5.04 1.17 6.23
H2'' U48 A 5 5.89 2.13 4.99
H1' U48 A 5 4.80 0.95 3.20
H53 U48 A 5 -0.41 1.23 7.34
H51 U48 A 5 0.43 -0.33 7.14
H52 U48 A 5 -0.95 0.07 6.10
H41 U48 A 5 -1.03 3.56 4.22
H42 U48 A 5 -1.46 2.42 5.41
H3 U48 A 5 1.09 3.59 3.28
P DNR B 4 -6.45 1.64 -7.38
OP1 DNR B 4 -7.72 1.03 -7.89
OP2 DNR B 4 -5.89 2.72 -8.23
O5' DNR B 4 -6.51 2.04 -5.79
C5' DNR B 4 -5.74 3.20 -5.39
C4' DNR B 4 -5.38 3.06 -3.90
O4' DNR B 4 -4.41 1.99 -3.78
C1' DNR B 4 -3.43 2.29 -2.78
N1 DNR B 4 -2.18 1.54 -3.02
C6 DNR B 4 -1.31 1.94 -4.06
C2 DNR B 4 -1.76 0.55 -2.13
O2 DNR B 4 -2.48 0.08 -1.26
N3 DNR B 4 -0.42 0.11 -2.23
C4 DNR B 4 0.45 0.56 -3.13
N4 DNR B 4 1.71 0.11 -3.10
C5 DNR B 4 0.06 1.51 -4.13
C2' DNR B 4 -3.34 3.82 -2.81
C3' DNR B 4 -4.70 4.30 -3.29
O3' DNR B 4 -5.47 4.72 -2.13
H5' DNR B 4 -6.34 4.10 -5.57
H5'' DNR B 4 -4.82 3.28 -5.98
H4' DNR B 4 -6.29 2.81 -3.33
H1' DNR B 4 -3.89 1.99 -1.82
H6 DNR B 4 -1.76 2.61 -4.80
HN3 DNR B 4 -0.02 -0.61 -1.60
H41 DNR B 4 2.00 -0.56 -2.40
H42 DNR B 4 2.39 0.43 -3.79
H5 DNR B 4 0.75 1.86 -4.91
H2' DNR B 4 -2.58 4.18 -3.50
H2'' DNR B 4 -3.08 4.24 -1.82
H3' DNR B 4 -4.57 5.12 -3.99
N1 5CM B 5 -0.83 6.05 1.04
C2 5CM B 5 -0.29 5.17 1.98
N3 5CM B 5 1.09 4.90 1.96
C4 5CM B 5 1.88 5.53 1.10
C5 5CM B 5 1.42 6.46 0.09
C5A 5CM B 5 2.33 7.15 -0.91
C6 5CM B 5 0.00 6.71 0.12
O2 5CM B 5 -0.97 4.58 2.80
N4 5CM B 5 3.16 5.12 1.14
C1' 5CM B 5 -2.30 6.18 0.98
C2' 5CM B 5 -2.92 7.31 1.84
C3' 5CM B 5 -4.21 7.67 1.09
C4' 5CM B 5 -4.17 6.81 -0.18
O4' 5CM B 5 -2.78 6.47 -0.35
O3' 5CM B 5 -5.36 7.33 1.87
C5' 5CM B 5 -4.79 7.45 -1.44
O5' 5CM B 5 -6.17 7.04 -1.43
P 5CM B 5 -6.69 5.78 -2.36
OP1 5CM B 5 -7.96 5.21 -1.81
OP2 5CM B 5 -6.79 6.19 -3.79
H5A1 5CM B 5 3.10 7.73 -0.39
H5A2 5CM B 5 1.77 7.84 -1.56
H5A3 5CM B 5 2.84 6.41 -1.55
H6 5CM B 5 -0.51 7.42 -0.55
HN41 5CM B 5 3.39 4.41 1.79
HN42 5CM B 5 3.79 5.28 0.38
H1' 5CM B 5 -2.77 5.24 1.29
H2' 5CM B 5 -2.24 8.17 1.88
H2'' 5CM B 5 -3.11 6.96 2.85
H3' 5CM B 5 -4.22 8.75 0.86
H4' 5CM B 5 -4.71 5.87 0.02
HO3' 5CM B 5 -6.14 7.40 1.27
H5' 5CM B 5 -4.30 7.13 -2.36
H5'' 5CM B 5 -4.74 8.55 -1.40
P DNR C 3 -5.04 6.65 11.66
OP1 DNR C 3 -6.03 7.52 12.38
OP2 DNR C 3 -5.31 5.19 11.86
O5' DNR C 3 -4.99 7.06 10.06
C5' DNR C 3 -5.08 6.00 9.08
C4' DNR C 3 -4.72 6.48 7.65
O4' DNR C 3 -3.38 7.03 7.53
C1' DNR C 3 -2.79 6.75 6.21
N1 DNR C 3 -1.44 6.14 6.39
C6 DNR C 3 -1.26 5.15 7.38
C2 DNR C 3 -0.38 6.48 5.54
O2 DNR C 3 -0.48 7.31 4.66
N3 DNR C 3 0.87 5.83 5.75
C4 DNR C 3 1.05 4.90 6.70
N4 DNR C 3 2.24 4.30 6.86
C5 DNR C 3 0.00 4.50 7.60
C2' DNR C 3 -3.82 5.83 5.52
C3' DNR C 3 -4.68 5.30 6.67
O3' DNR C 3 -6.01 4.96 6.25
H5' DNR C 3 -6.11 5.61 9.10
H5'' DNR C 3 -4.44 5.16 9.38
H4' DNR C 3 -5.44 7.23 7.31
H1' DNR C 3 -2.72 7.70 5.67
H6 DNR C 3 -2.12 4.94 8.00
HN3 DNR C 3 1.72 6.04 5.20
H41 DNR C 3 3.01 4.55 6.25
H42 DNR C 3 2.37 3.60 7.58
H5 DNR C 3 0.16 3.76 8.38
H2' DNR C 3 -3.34 5.00 4.96
H2'' DNR C 3 -4.43 6.40 4.81
H3' DNR C 3 -4.18 4.46 7.17
C2 U48 C 5 -3.08 -2.48 -3.38
O2 U48 C 5 -2.70 -1.65 -4.19
C4 U48 C 5 -2.52 -4.39 -1.96
C5 U48 C 5 -3.84 -4.46 -1.38
C6 U48 C 5 -4.74 -3.46 -1.88
OP1 U48 C 5 -10.06 0.52 0.94
P U48 C 5 -8.58 0.53 1.24
OP2 U48 C 5 -8.21 -0.18 2.50
O5' U48 C 5 -7.71 -0.06 0.00
C5' U48 C 5 -8.30 -0.24 -1.30
C4' U48 C 5 -7.16 -0.18 -2.34
O4' U48 C 5 -6.04 -0.99 -1.94
C3' U48 C 5 -7.54 -0.76 -3.72
O3' U48 C 5 -8.04 0.26 -4.60
C2' U48 C 5 -6.25 -1.43 -4.23
C1' U48 C 5 -5.24 -1.30 -3.08
N1 U48 C 5 -4.36 -2.46 -2.82
C5M U48 C 5 -4.24 -5.49 -0.34
N4 U48 C 5 -1.50 -5.19 -1.55
N3 U48 C 5 -2.22 -3.46 -2.93
H6 U48 C 5 -5.78 -3.39 -1.53
H5' U48 C 5 -9.02 0.57 -1.50
H5'' U48 C 5 -8.84 -1.19 -1.32
H4' U48 C 5 -6.83 0.85 -2.44
H3' U48 C 5 -8.31 -1.52 -3.61
H3T U48 C 5 -7.33 0.84 -5.01
H2' U48 C 5 -6.45 -2.49 -4.47
H2'' U48 C 5 -5.87 -0.95 -5.13
H1' U48 C 5 -4.62 -0.41 -3.27
H53 U48 C 5 -4.13 -6.50 -0.74
H51 U48 C 5 -5.29 -5.36 -0.04
H52 U48 C 5 -3.62 -5.40 0.55
H41 U48 C 5 -0.59 -5.15 -1.95
H42 U48 C 5 -1.65 -5.87 -0.83
H3 U48 C 5 -1.28 -3.43 -3.34
P DNR D 4 7.91 3.52 -0.70
OP1 DNR D 4 8.95 3.17 -1.73
OP2 DNR D 4 6.76 4.34 -1.24
O5' DNR D 4 7.21 2.18 -0.09
C5' DNR D 4 8.00 1.15 0.50
C4' DNR D 4 7.12 -0.12 0.58
O4' DNR D 4 5.80 0.26 1.06
C1' DNR D 4 4.78 0.02 0.07
N1 DNR D 4 3.80 1.14 -0.02
C6 DNR D 4 4.04 2.23 -0.90
C2 DNR D 4 2.53 0.98 0.52
O2 DNR D 4 2.24 0.12 1.33
N3 DNR D 4 1.50 1.86 0.07
C4 DNR D 4 1.70 2.82 -0.82
N4 DNR D 4 0.64 3.57 -1.22
C5 DNR D 4 3.00 3.09 -1.37
C2' DNR D 4 5.49 -0.40 -1.23
C3' DNR D 4 6.91 -0.77 -0.81
O3' DNR D 4 7.00 -2.20 -0.68
H5' DNR D 4 8.32 1.46 1.50
H5'' DNR D 4 8.90 0.95 -0.10
H4' DNR D 4 7.57 -0.84 1.28
H1' DNR D 4 4.24 -0.87 0.43
H6 DNR D 4 5.08 2.39 -1.19
HN3 DNR D 4 0.52 1.79 0.40
H41 DNR D 4 -0.28 3.38 -0.83
H42 DNR D 4 0.77 4.32 -1.88
H5 DNR D 4 3.17 3.90 -2.07
H2' DNR D 4 5.54 0.40 -1.97
H2'' DNR D 4 4.98 -1.25 -1.71
H3' DNR D 4 7.61 -0.40 -1.56
N1 5CM D 5 2.54 -3.52 -3.92
C2 5CM D 5 1.19 -3.62 -3.57
N3 5CM D 5 0.23 -2.83 -4.25
C4 5CM D 5 0.60 -2.05 -5.25
C5 5CM D 5 1.97 -1.89 -5.70
C5A 5CM D 5 2.37 -0.98 -6.85
C6 5CM D 5 2.93 -2.69 -4.98
O2 5CM D 5 0.79 -4.35 -2.66
N4 5CM D 5 -0.40 -1.30 -5.75
C1' 5CM D 5 3.52 -4.23 -3.08
C2' 5CM D 5 3.88 -5.64 -3.51
C3' 5CM D 5 5.15 -5.93 -2.72
C4' 5CM D 5 5.73 -4.52 -2.41
O4' 5CM D 5 4.82 -3.59 -3.04
O3' 5CM D 5 4.81 -6.63 -1.52
C5' 5CM D 5 7.19 -4.27 -2.84
O5' 5CM D 5 7.98 -4.30 -1.63
P 5CM D 5 8.46 -2.91 -0.93
OP1 5CM D 5 9.14 -3.11 0.40
OP2 5CM D 5 9.30 -2.10 -1.88
H5A1 5CM D 5 1.84 -1.27 -7.77
H5A2 5CM D 5 3.45 -1.05 -7.06
H5A3 5CM D 5 2.12 0.06 -6.64
H6 5CM D 5 4.00 -2.70 -5.22
HN41 5CM D 5 -1.30 -1.41 -5.33
HN42 5CM D 5 -0.23 -0.51 -6.31
H1' 5CM D 5 3.15 -4.26 -2.05
H2' 5CM D 5 4.06 -5.69 -4.59
H2'' 5CM D 5 3.07 -6.34 -3.26
H3' 5CM D 5 5.85 -6.55 -3.31
H4' 5CM D 5 5.69 -4.36 -1.33
HO3' 5CM D 5 4.42 -5.99 -0.85
H5' 5CM D 5 7.30 -3.31 -3.34
H5'' 5CM D 5 7.55 -5.05 -3.52
P DNR A 3 -1.22 -13.75 -0.73
OP1 DNR A 3 -0.39 -14.78 -0.01
OP2 DNR A 3 -2.58 -13.55 -0.12
O5' DNR A 3 -0.41 -12.35 -0.92
C5' DNR A 3 1.00 -12.41 -1.16
C4' DNR A 3 1.56 -11.02 -1.58
O4' DNR A 3 0.96 -10.56 -2.82
C1' DNR A 3 1.13 -9.13 -2.95
N1 DNR A 3 -0.08 -8.51 -3.53
C6 DNR A 3 -1.32 -8.72 -2.90
C2 DNR A 3 0.02 -7.61 -4.58
O2 DNR A 3 1.09 -7.36 -5.13
N3 DNR A 3 -1.16 -6.94 -5.01
C4 DNR A 3 -2.34 -7.13 -4.42
N4 DNR A 3 -3.43 -6.46 -4.88
C5 DNR A 3 -2.52 -8.04 -3.32
C2' DNR A 3 1.45 -8.64 -1.51
C3' DNR A 3 1.28 -9.87 -0.61
O3' DNR A 3 2.25 -9.85 0.44
H5' DNR A 3 1.51 -12.76 -0.26
H5'' DNR A 3 1.21 -13.14 -1.96
H4' DNR A 3 2.64 -11.11 -1.74
H1' DNR A 3 2.01 -8.97 -3.59
H6 DNR A 3 -1.32 -9.45 -2.08
HN3 DNR A 3 -1.18 -6.27 -5.79
H41 DNR A 3 -3.33 -5.81 -5.65
H42 DNR A 3 -4.33 -6.62 -4.45
H5 DNR A 3 -3.49 -8.20 -2.85
H2' DNR A 3 0.80 -7.82 -1.19
H2'' DNR A 3 2.49 -8.28 -1.47
H3' DNR A 3 0.25 -9.94 -0.23
C2 U48 A 5 2.75 2.34 3.67
O2 U48 A 5 3.27 2.85 2.70
C4 U48 A 5 0.80 2.27 5.15
C5 U48 A 5 1.36 1.21 5.95
C6 U48 A 5 2.65 0.73 5.52
OP1 U48 A 5 6.17 -5.25 5.39
P U48 A 5 4.81 -4.95 4.81
OP2 U48 A 5 3.75 -5.90 5.29
O5' U48 A 5 4.32 -3.42 5.11
C5' U48 A 5 5.30 -2.39 5.38
C4' U48 A 5 5.54 -1.56 4.09
O4' U48 A 5 4.34 -0.82 3.77
C3' U48 A 5 6.64 -0.50 4.31
O3' U48 A 5 7.32 -0.23 3.10
C2' U48 A 5 5.83 0.72 4.74
C1' U48 A 5 4.56 0.61 3.89
N1 U48 A 5 3.32 1.27 4.39
C5M U48 A 5 0.63 0.61 7.15
N4 U48 A 5 -0.44 2.78 5.36
N3 U48 A 5 1.51 2.79 4.09
H6 U48 A 5 3.15 -0.09 6.01
H5' U48 A 5 4.91 -1.74 6.18
H5'' U48 A 5 6.24 -2.81 5.74
H4' U48 A 5 5.79 -2.25 3.28
H3' U48 A 5 7.36 -0.80 5.08
H3T U48 A 5 8.64 -0.30 3.61
H2' U48 A 5 5.59 0.66 5.81
H2'' U48 A 5 6.37 1.67 4.57
H1' U48 A 5 4.82 0.98 2.89
H53 U48 A 5 1.23 -0.17 7.63
H51 U48 A 5 -0.33 0.16 6.84
H52 U48 A 5 0.42 1.38 7.89
H41 U48 A 5 -0.82 3.52 4.81
H42 U48 A 5 -1.01 2.43 6.09
H3 U48 A 5 1.09 3.51 3.51
P DNR B 4 -6.33 2.91 -8.08
OP1 DNR B 4 -7.52 2.62 -8.94
OP2 DNR B 4 -5.34 3.81 -8.75
O5' DNR B 4 -6.70 3.43 -6.58
C5' DNR B 4 -5.68 4.07 -5.78
C4' DNR B 4 -5.49 3.25 -4.49
O4' DNR B 4 -4.41 2.28 -4.64
C1' DNR B 4 -3.79 2.08 -3.36
N1 DNR B 4 -2.48 1.41 -3.45
C6 DNR B 4 -1.57 1.78 -4.47
C2 DNR B 4 -2.07 0.57 -2.42
O2 DNR B 4 -2.79 0.24 -1.49
N3 DNR B 4 -0.73 0.10 -2.45
C4 DNR B 4 0.14 0.45 -3.39
N4 DNR B 4 1.41 -0.03 -3.32
C5 DNR B 4 -0.21 1.32 -4.48
C2' DNR B 4 -3.74 3.50 -2.81
C3' DNR B 4 -5.07 4.10 -3.26
O3' DNR B 4 -6.00 3.82 -2.20
H5' DNR B 4 -6.04 5.08 -5.55
H5'' DNR B 4 -4.73 4.18 -6.32
H4' DNR B 4 -6.43 2.72 -4.26
H1' DNR B 4 -4.50 1.48 -2.75
H6 DNR B 4 -1.99 2.43 -5.24
HN3 DNR B 4 -0.35 -0.54 -1.74
H41 DNR B 4 1.66 -0.65 -2.55
H42 DNR B 4 2.09 0.21 -4.02
H5 DNR B 4 0.50 1.60 -5.26
H2' DNR B 4 -2.91 4.07 -3.25
H2'' DNR B 4 -3.64 3.53 -1.72
H3' DNR B 4 -4.97 5.17 -3.46
N1 5CM B 5 -1.50 5.93 1.67
C2 5CM B 5 -0.82 5.01 2.48
N3 5CM B 5 0.52 4.67 2.17
C4 5CM B 5 1.13 5.25 1.14
C5 5CM B 5 0.51 6.21 0.24
C5A 5CM B 5 1.22 6.83 -0.94
C6 5CM B 5 -0.85 6.51 0.56
O2 5CM B 5 -1.33 4.47 3.46
N4 5CM B 5 2.40 4.84 0.95
C1' 5CM B 5 -2.91 6.28 1.94
C2' 5CM B 5 -3.22 7.78 2.16
C3' 5CM B 5 -4.58 8.01 1.46
C4' 5CM B 5 -4.97 6.63 0.93
O4' 5CM B 5 -3.71 5.93 0.81
O3' 5CM B 5 -5.54 8.46 2.42
C5' 5CM B 5 -5.71 6.60 -0.43
O5' 5CM B 5 -6.46 5.38 -0.47
P 5CM B 5 -7.16 4.91 -1.86
OP1 5CM B 5 -8.48 4.23 -1.63
OP2 5CM B 5 -7.20 6.02 -2.87
H5A1 5CM B 5 1.66 6.07 -1.59
H5A2 5CM B 5 2.04 7.48 -0.59
H5A3 5CM B 5 0.53 7.45 -1.54
H6 5CM B 5 -1.47 7.18 -0.04
HN41 5CM B 5 2.74 4.12 1.55
HN42 5CM B 5 2.88 5.03 0.10
H1' 5CM B 5 -3.30 5.71 2.80
H2' 5CM B 5 -2.46 8.43 1.72
H2'' 5CM B 5 -3.26 8.01 3.23
H3' 5CM B 5 -4.47 8.74 0.65
H4' 5CM B 5 -5.59 6.12 1.68
HO3' 5CM B 5 -5.41 9.41 2.59
H5' 5CM B 5 -6.40 7.46 -0.52
H5'' 5CM B 5 -4.99 6.64 -1.26
P DNR C 3 -5.07 6.46 11.89
OP1 DNR C 3 -6.21 7.11 12.61
OP2 DNR C 3 -5.01 4.98 12.15
O5' DNR C 3 -5.11 6.80 10.29
C5' DNR C 3 -5.01 5.73 9.34
C4' DNR C 3 -4.81 6.30 7.92
O4' DNR C 3 -3.54 6.99 7.76
C1' DNR C 3 -2.95 6.80 6.45
N1 DNR C 3 -1.57 6.26 6.59
C6 DNR C 3 -1.28 5.35 7.64
C2 DNR C 3 -0.55 6.64 5.71
O2 DNR C 3 -0.73 7.40 4.77
N3 DNR C 3 0.76 6.13 5.94
C4 DNR C 3 1.05 5.30 6.95
N4 DNR C 3 2.32 4.87 7.11
C5 DNR C 3 0.05 4.85 7.88
C2' DNR C 3 -3.94 5.86 5.72
C3' DNR C 3 -4.74 5.20 6.84
O3' DNR C 3 -6.07 4.88 6.41
H5' DNR C 3 -5.95 5.14 9.37
H5'' DNR C 3 -4.20 5.04 9.60
H4' DNR C 3 -5.62 7.00 7.68
H1' DNR C 3 -2.92 7.78 5.95
H6 DNR C 3 -2.12 5.05 8.26
HN3 DNR C 3 1.58 6.34 5.36
H41 DNR C 3 3.04 5.18 6.47
H42 DNR C 3 2.55 4.26 7.87
H5 DNR C 3 0.30 4.18 8.70
H2' DNR C 3 -3.44 5.11 5.10
H2'' DNR C 3 -4.60 6.45 5.07
H3' DNR C 3 -4.19 4.34 7.22
C2 U48 C 5 -2.79 -2.92 -3.15
O2 U48 C 5 -2.43 -2.21 -4.08
C4 U48 C 5 -2.17 -4.69 -1.57
C5 U48 C 5 -3.44 -4.63 -0.88
C6 U48 C 5 -4.36 -3.66 -1.42
OP1 U48 C 5 -9.86 -0.29 1.13
P U48 C 5 -8.41 -0.11 1.49
OP2 U48 C 5 -8.03 -0.80 2.76
O5' U48 C 5 -7.41 -0.56 0.27
C5' U48 C 5 -7.94 -0.84 -1.03
C4' U48 C 5 -6.84 -0.50 -2.08
O4' U48 C 5 -5.59 -1.14 -1.74
C3' U48 C 5 -7.19 -1.01 -3.51
O3' U48 C 5 -6.94 0.03 -4.45
C2' U48 C 5 -6.20 -2.16 -3.73
C1' U48 C 5 -4.98 -1.74 -2.91
N1 U48 C 5 -4.04 -2.81 -2.51
C5M U48 C 5 -3.77 -5.49 0.33
N4 U48 C 5 -1.18 -5.53 -1.17
N3 U48 C 5 -1.92 -3.88 -2.66
H6 U48 C 5 -5.33 -3.48 -0.97
H5' U48 C 5 -8.24 -1.89 -1.09
H5'' U48 C 5 -8.82 -0.21 -1.22
H4' U48 C 5 -6.72 0.59 -2.11
H3' U48 C 5 -8.24 -1.34 -3.59
H3T U48 C 5 -7.44 -0.14 -5.27
H2' U48 C 5 -6.62 -3.11 -3.37
H2'' U48 C 5 -5.96 -2.27 -4.79
H1' U48 C 5 -4.46 -0.94 -3.45
H53 U48 C 5 -4.76 -5.24 0.74
H51 U48 C 5 -3.04 -5.33 1.12
H52 U48 C 5 -3.77 -6.55 0.06
H41 U48 C 5 -0.30 -5.59 -1.64
H42 U48 C 5 -1.30 -6.13 -0.38
H3 U48 C 5 -1.00 -3.93 -3.11
P DNR D 4 9.46 2.80 0.00
OP1 DNR D 4 10.25 1.53 0.18
OP2 DNR D 4 10.35 3.97 -0.30
O5' DNR D 4 8.27 2.64 -1.12
C5' DNR D 4 7.82 1.32 -1.51
C4' DNR D 4 6.94 0.65 -0.42
O4' DNR D 4 5.76 1.49 -0.17
C1' DNR D 4 4.56 0.69 -0.20
N1 DNR D 4 3.38 1.51 -0.51
C6 DNR D 4 3.45 2.46 -1.56
C2 DNR D 4 2.16 1.26 0.13
O2 DNR D 4 2.04 0.44 1.01
N3 DNR D 4 1.04 2.00 -0.30
C4 DNR D 4 1.09 2.90 -1.30
N4 DNR D 4 -0.05 3.56 -1.63
C5 DNR D 4 2.30 3.19 -2.02
C2' DNR D 4 4.89 -0.38 -1.24
C3' DNR D 4 6.34 -0.68 -0.92
O3' DNR D 4 6.28 -1.63 0.15
H5' DNR D 4 7.25 1.42 -2.43
H5'' DNR D 4 8.69 0.68 -1.73
H4' DNR D 4 7.50 0.52 0.51
H1' DNR D 4 4.47 0.21 0.79
H6 DNR D 4 4.44 2.59 -1.99
HN3 DNR D 4 0.12 1.92 0.14
H41 DNR D 4 -0.90 3.37 -1.13
H42 DNR D 4 -0.02 4.25 -2.36
H5 DNR D 4 2.34 3.91 -2.82
H2' DNR D 4 4.80 0.01 -2.27
H2'' DNR D 4 4.25 -1.26 -1.14
H3' DNR D 4 6.87 -1.10 -1.80
N1 5CM D 5 2.92 -4.51 -3.65
C2 5CM D 5 1.55 -4.64 -3.37
N3 5CM D 5 0.61 -3.78 -4.02
C4 5CM D 5 1.03 -2.90 -4.92
C5 5CM D 5 2.43 -2.67 -5.26
C5A 5CM D 5 2.91 -1.62 -6.24
C6 5CM D 5 3.35 -3.53 -4.57
O2 5CM D 5 1.11 -5.45 -2.58
N4 5CM D 5 0.07 -2.11 -5.42
C1' 5CM D 5 3.91 -5.39 -2.99
C2' 5CM D 5 4.89 -6.14 -3.92
C3' 5CM D 5 6.29 -5.95 -3.30
C4' 5CM D 5 6.02 -5.28 -1.93
O4' 5CM D 5 4.77 -4.59 -2.15
O3' 5CM D 5 6.92 -7.21 -3.15
C5' 5CM D 5 7.10 -4.27 -1.44
O5' 5CM D 5 6.91 -3.90 -0.04
P 5CM D 5 7.61 -2.49 0.54
OP1 5CM D 5 7.69 -1.77 2.18
OP2 5CM D 5 8.76 -2.14 -0.37
H5A1 5CM D 5 2.48 -1.82 -7.24
H5A2 5CM D 5 3.99 -1.63 -6.34
H5A3 5CM D 5 2.59 -0.61 -5.95
H6 5CM D 5 4.44 -3.46 -4.70
HN41 5CM D 5 -0.86 -2.26 -5.09
HN42 5CM D 5 0.27 -1.26 -5.89
H1' 5CM D 5 3.42 -6.13 -2.34
H2' 5CM D 5 4.87 -5.75 -4.95
H2'' 5CM D 5 4.63 -7.20 -3.98
H3' 5CM D 5 6.89 -5.29 -3.94
H4' 5CM D 5 5.89 -6.08 -1.19
HO3' 5CM D 5 7.87 -7.08 -2.97
H5' 5CM D 5 8.11 -4.69 -1.57
H5'' 5CM D 5 7.05 -3.38 -2.08
P DNR A 3 -2.59 -12.65 -0.33
OP1 DNR A 3 -2.05 -13.76 0.54
OP2 DNR A 3 -3.95 -12.16 0.09
O5' DNR A 3 -1.54 -11.41 -0.44
C5' DNR A 3 -0.13 -11.70 -0.34
C4' DNR A 3 0.68 -10.41 -0.61
O4' DNR A 3 0.48 -9.97 -1.98
C1' DNR A 3 0.43 -8.54 -2.09
N1 DNR A 3 -0.83 -8.15 -2.78
C6 DNR A 3 -2.09 -8.45 -2.20
C2 DNR A 3 -0.78 -7.42 -3.99
O2 DNR A 3 0.27 -7.13 -4.52
N3 DNR A 3 -2.01 -7.02 -4.56
C4 DNR A 3 -3.20 -7.29 -4.02
N4 DNR A 3 -4.33 -6.86 -4.64
C5 DNR A 3 -3.33 -8.03 -2.80
C2' DNR A 3 0.59 -8.00 -0.65
C3' DNR A 3 0.31 -9.20 0.27
O3' DNR A 3 1.16 -9.17 1.42
H5' DNR A 3 0.09 -12.08 0.66
H5'' DNR A 3 0.14 -12.47 -1.06
H4' DNR A 3 1.75 -10.63 -0.48
H1' DNR A 3 1.31 -8.22 -2.67
H6 DNR A 3 -2.06 -9.06 -1.31
HN3 DNR A 3 -2.08 -6.49 -5.45
H41 DNR A 3 -4.26 -6.34 -5.51
H42 DNR A 3 -5.23 -7.08 -4.25
H5 DNR A 3 -4.30 -8.27 -2.38
H2' DNR A 3 -0.10 -7.17 -0.44
H2'' DNR A 3 1.60 -7.64 -0.51
H3' DNR A 3 -0.74 -9.24 0.57
C2 U48 A 5 3.52 2.42 3.20
O2 U48 A 5 4.03 2.95 2.21
C4 U48 A 5 1.57 2.26 4.66
C5 U48 A 5 2.17 1.23 5.48
C6 U48 A 5 3.50 0.86 5.07
OP1 U48 A 5 6.21 -4.69 5.97
P U48 A 5 5.41 -4.10 4.85
OP2 U48 A 5 4.10 -3.53 5.32
O5' U48 A 5 6.24 -2.93 4.10
C5' U48 A 5 6.80 -1.88 4.88
C4' U48 A 5 7.06 -0.71 3.91
O4' U48 A 5 5.76 -0.22 3.47
C3' U48 A 5 7.74 0.51 4.58
O3' U48 A 5 8.63 1.15 3.67
C2' U48 A 5 6.58 1.44 4.91
C1' U48 A 5 5.60 1.17 3.76
N1 U48 A 5 4.17 1.48 4.00
C5M U48 A 5 1.46 0.56 6.63
N4 U48 A 5 0.31 2.73 4.88
N3 U48 A 5 2.24 2.80 3.58
H6 U48 A 5 4.05 0.06 5.56
H5' U48 A 5 6.11 -1.58 5.68
H5'' U48 A 5 7.74 -2.23 5.33
H4' U48 A 5 7.63 -1.07 3.04
H3' U48 A 5 8.29 0.22 5.49
H3T U48 A 5 9.23 1.73 4.17
H2' U48 A 5 6.14 1.16 5.88
H2'' U48 A 5 6.89 2.49 4.97
H1' U48 A 5 5.98 1.71 2.87
H53 U48 A 5 2.09 -0.21 7.11
H51 U48 A 5 0.53 0.07 6.29
H52 U48 A 5 1.19 1.29 7.41
H41 U48 A 5 -0.10 3.45 4.32
H42 U48 A 5 -0.24 2.38 5.63
H3 U48 A 5 1.79 3.50 3.00
P DNR B 4 -6.73 2.31 -8.04
OP1 DNR B 4 -8.22 2.33 -8.16
OP2 DNR B 4 -6.02 3.09 -9.11
O5' DNR B 4 -6.24 2.73 -6.54
C5' DNR B 4 -4.95 3.31 -6.32
C4' DNR B 4 -4.66 3.24 -4.80
O4' DNR B 4 -3.98 2.00 -4.48
C1' DNR B 4 -3.24 2.13 -3.25
N1 DNR B 4 -1.98 1.37 -3.37
C6 DNR B 4 -1.05 1.74 -4.38
C2 DNR B 4 -1.63 0.38 -2.45
O2 DNR B 4 -2.38 0.00 -1.57
N3 DNR B 4 -0.33 -0.18 -2.55
C4 DNR B 4 0.56 0.17 -3.47
N4 DNR B 4 1.79 -0.40 -3.44
C5 DNR B 4 0.27 1.17 -4.47
C2' DNR B 4 -3.08 3.65 -3.03
C3' DNR B 4 -3.68 4.30 -4.28
O3' DNR B 4 -4.38 5.51 -3.93
H5' DNR B 4 -4.98 4.36 -6.66
H5'' DNR B 4 -4.18 2.79 -6.89
H4' DNR B 4 -5.60 3.30 -4.23
H1' DNR B 4 -3.87 1.73 -2.44
H6 DNR B 4 -1.40 2.49 -5.09
HN3 DNR B 4 0.02 -0.91 -1.90
H41 DNR B 4 2.00 -1.10 -2.75
H42 DNR B 4 2.48 -0.14 -4.12
H5 DNR B 4 0.99 1.45 -5.23
H2' DNR B 4 -2.03 3.95 -2.89
H2'' DNR B 4 -3.63 3.96 -2.13
H3' DNR B 4 -2.91 4.50 -5.05
N1 5CM B 5 -0.67 5.94 1.21
C2 5CM B 5 0.03 5.01 1.98
N3 5CM B 5 1.36 4.68 1.64
C4 5CM B 5 1.93 5.25 0.58
C5 5CM B 5 1.27 6.17 -0.33
C5A 5CM B 5 1.90 6.73 -1.59
C6 5CM B 5 -0.09 6.47 0.03
O2 5CM B 5 -0.44 4.46 2.97
N4 5CM B 5 3.18 4.83 0.32
C1' 5CM B 5 -2.02 6.39 1.62
C2' 5CM B 5 -2.20 7.92 1.69
C3' 5CM B 5 -3.19 8.28 0.58
C4' 5CM B 5 -3.92 6.95 0.30
O4' 5CM B 5 -2.94 5.93 0.61
O3' 5CM B 5 -4.10 9.28 1.01
C5' 5CM B 5 -4.43 6.76 -1.14
O5' 5CM B 5 -3.30 6.68 -2.03
P 5CM B 5 -3.53 6.87 -3.63
OP1 5CM B 5 -4.34 8.11 -3.88
OP2 5CM B 5 -2.20 6.85 -4.33
H5A1 5CM B 5 2.28 5.92 -2.22
H5A2 5CM B 5 2.75 7.38 -1.33
H5A3 5CM B 5 1.18 7.32 -2.16
H6 5CM B 5 -0.76 7.07 -0.58
HN41 5CM B 5 3.57 4.14 0.94
HN42 5CM B 5 3.62 4.97 -0.56
H1' 5CM B 5 -2.33 5.94 2.57
H2' 5CM B 5 -1.25 8.46 1.58
H2'' 5CM B 5 -2.61 8.20 2.67
H3' 5CM B 5 -2.65 8.61 -0.33
H4' 5CM B 5 -4.75 6.84 1.01
HO3' 5CM B 5 -4.56 9.62 0.22
H5' 5CM B 5 -5.03 5.83 -1.22
H5'' 5CM B 5 -5.07 7.60 -1.42
P DNR C 3 -4.97 5.54 11.81
OP1 DNR C 3 -6.29 6.02 12.31
OP2 DNR C 3 -4.79 4.05 11.97
O5' DNR C 3 -4.71 6.02 10.26
C5' DNR C 3 -4.52 5.01 9.25
C4' DNR C 3 -4.09 5.67 7.92
O4' DNR C 3 -2.77 6.25 7.98
C1' DNR C 3 -2.14 6.27 6.67
N1 DNR C 3 -0.73 5.80 6.76
C6 DNR C 3 -0.34 4.90 7.78
C2 DNR C 3 0.20 6.20 5.80
O2 DNR C 3 -0.08 6.96 4.88
N3 DNR C 3 1.52 5.69 5.91
C4 DNR C 3 1.90 4.85 6.87
N4 DNR C 3 3.18 4.40 6.88
C5 DNR C 3 1.00 4.39 7.88
C2' DNR C 3 -3.04 5.38 5.79
C3' DNR C 3 -3.97 4.66 6.78
O3' DNR C 3 -5.26 4.41 6.22
H5' DNR C 3 -5.46 4.46 9.12
H5'' DNR C 3 -3.76 4.28 9.57
H4' DNR C 3 -4.81 6.46 7.65
H1' DNR C 3 -2.16 7.31 6.29
H6 DNR C 3 -1.11 4.61 8.49
HN3 DNR C 3 2.28 5.94 5.25
H41 DNR C 3 3.83 4.72 6.18
H42 DNR C 3 3.49 3.77 7.60
H5 DNR C 3 1.32 3.70 8.66
H2' DNR C 3 -2.47 4.66 5.18
H2'' DNR C 3 -3.63 6.00 5.09
H3' DNR C 3 -3.49 3.75 7.16
C2 U48 C 5 -3.30 -2.62 -3.22
O2 U48 C 5 -2.88 -2.03 -4.20
C4 U48 C 5 -2.87 -4.33 -1.53
C5 U48 C 5 -4.14 -4.12 -0.87
C6 U48 C 5 -4.95 -3.09 -1.48
OP1 U48 C 5 -8.43 3.05 -2.02
P U48 C 5 -8.22 2.56 -0.62
OP2 U48 C 5 -9.13 3.20 0.38
O5' U48 C 5 -8.23 0.92 -0.54
C5' U48 C 5 -8.38 0.13 -1.74
C4' U48 C 5 -7.13 0.24 -2.67
O4' U48 C 5 -6.03 -0.50 -2.09
C3' U48 C 5 -7.37 -0.41 -4.06
O3' U48 C 5 -6.79 0.44 -5.04
C2' U48 C 5 -6.53 -1.69 -4.01
C1' U48 C 5 -5.37 -1.25 -3.12
N1 U48 C 5 -4.52 -2.35 -2.60
C5M U48 C 5 -4.59 -4.90 0.35
N4 U48 C 5 -1.93 -5.21 -1.05
N3 U48 C 5 -2.52 -3.62 -2.65
H6 U48 C 5 -5.93 -2.81 -1.08
H5' U48 C 5 -8.54 -0.92 -1.45
H5'' U48 C 5 -9.28 0.46 -2.27
H4' U48 C 5 -6.84 1.29 -2.81
H3' U48 C 5 -8.42 -0.60 -4.28
H3T U48 C 5 -7.23 0.36 -5.92
H2' U48 C 5 -7.09 -2.51 -3.55
H2'' U48 C 5 -6.21 -2.01 -5.01
H1' U48 C 5 -4.75 -0.54 -3.69
H53 U48 C 5 -4.63 -5.98 0.12
H51 U48 C 5 -5.60 -4.59 0.67
H52 U48 C 5 -3.90 -4.75 1.18
H41 U48 C 5 -1.06 -5.36 -1.51
H42 U48 C 5 -2.12 -5.74 -0.24
H3 U48 C 5 -1.61 -3.76 -3.07
P DNR D 4 7.98 3.70 -1.73
OP1 DNR D 4 9.01 3.44 -2.79
OP2 DNR D 4 6.75 4.42 -2.22
O5' DNR D 4 7.49 2.30 -1.06
C5' DNR D 4 8.44 1.43 -0.45
C4' DNR D 4 7.68 0.25 0.21
O4' DNR D 4 6.36 0.68 0.63
C1' DNR D 4 5.32 -0.09 -0.01
N1 DNR D 4 4.17 0.79 -0.37
C6 DNR D 4 4.30 1.73 -1.42
C2 DNR D 4 2.94 0.65 0.28
O2 DNR D 4 2.76 -0.11 1.20
N3 DNR D 4 1.86 1.44 -0.19
C4 DNR D 4 1.96 2.31 -1.20
N4 DNR D 4 0.86 3.01 -1.56
C5 DNR D 4 3.19 2.52 -1.90
C2' DNR D 4 6.00 -0.83 -1.17
C3' DNR D 4 7.45 -0.97 -0.72
O3' DNR D 4 7.57 -2.14 0.10
H5' DNR D 4 9.17 1.08 -1.19
H5'' DNR D 4 9.00 1.97 0.34
H4' DNR D 4 8.26 -0.08 1.09
H1' DNR D 4 5.01 -0.85 0.73
H6 DNR D 4 5.30 1.86 -1.83
HN3 DNR D 4 0.93 1.41 0.23
H41 DNR D 4 -0.02 2.87 -1.07
H42 DNR D 4 0.92 3.69 -2.31
H5 DNR D 4 3.30 3.24 -2.71
H2' DNR D 4 5.98 -0.26 -2.11
H2'' DNR D 4 5.55 -1.81 -1.37
H3' DNR D 4 8.16 -0.97 -1.55
N1 5CM D 5 2.18 -4.56 -3.76
C2 5CM D 5 0.87 -4.39 -3.29
N3 5CM D 5 -0.02 -3.55 -4.01
C4 5CM D 5 0.37 -2.95 -5.13
C5 5CM D 5 1.72 -3.05 -5.68
C5A 5CM D 5 2.17 -2.33 -6.93
C6 5CM D 5 2.60 -3.88 -4.93
O2 5CM D 5 0.45 -4.94 -2.29
N4 5CM D 5 -0.55 -2.17 -5.70
C1' 5CM D 5 3.13 -5.44 -3.05
C2' 5CM D 5 3.76 -6.57 -3.90
C3' 5CM D 5 5.27 -6.49 -3.61
C4' 5CM D 5 5.37 -5.54 -2.41
O4' 5CM D 5 4.25 -4.66 -2.61
O3' 5CM D 5 5.79 -7.78 -3.26
C5' 5CM D 5 6.67 -4.72 -2.32
O5' 5CM D 5 6.81 -4.26 -0.96
P 5CM D 5 8.20 -3.52 -0.52
OP1 5CM D 5 8.91 -4.30 0.54
OP2 5CM D 5 9.06 -3.27 -1.72
H5A1 5CM D 5 2.01 -1.25 -6.83
H5A2 5CM D 5 1.59 -2.67 -7.81
H5A3 5CM D 5 3.23 -2.50 -7.15
H6 5CM D 5 3.65 -4.03 -5.20
HN41 5CM D 5 -1.41 -2.07 -5.23
HN42 5CM D 5 -0.31 -1.50 -6.39
H1' 5CM D 5 2.67 -5.89 -2.16
H2' 5CM D 5 3.57 -6.44 -4.97
H2'' 5CM D 5 3.36 -7.55 -3.61
H3' 5CM D 5 5.81 -6.08 -4.47
H4' 5CM D 5 5.23 -6.10 -1.48
HO3' 5CM D 5 5.83 -8.32 -4.07
H5' 5CM D 5 7.53 -5.35 -2.55
H5'' 5CM D 5 6.66 -3.87 -3.01
P DNR A 3 -2.09 -12.86 -0.65
OP1 DNR A 3 -1.35 -14.08 -0.17
OP2 DNR A 3 -3.27 -12.49 0.20
O5' DNR A 3 -1.09 -11.60 -0.91
C5' DNR A 3 0.32 -11.86 -1.07
C4' DNR A 3 1.08 -10.55 -1.39
O4' DNR A 3 0.72 -10.08 -2.71
C1' DNR A 3 0.73 -8.63 -2.78
N1 DNR A 3 -0.58 -8.17 -3.30
C6 DNR A 3 -1.76 -8.50 -2.60
C2 DNR A 3 -0.65 -7.31 -4.40
O2 DNR A 3 0.32 -7.00 -5.08
N3 DNR A 3 -1.91 -6.74 -4.70
C4 DNR A 3 -3.02 -7.00 -4.02
N4 DNR A 3 -4.16 -6.38 -4.37
C5 DNR A 3 -3.04 -7.93 -2.93
C2' DNR A 3 1.06 -8.15 -1.35
C3' DNR A 3 0.80 -9.37 -0.46
O3' DNR A 3 1.70 -9.38 0.66
H5' DNR A 3 0.71 -12.30 -0.13
H5'' DNR A 3 0.47 -12.60 -1.87
H4' DNR A 3 2.16 -10.76 -1.39
H1' DNR A 3 1.54 -8.34 -3.46
H6 DNR A 3 -1.65 -9.25 -1.82
HN3 DNR A 3 -2.07 -6.08 -5.47
H41 DNR A 3 -4.17 -5.73 -5.15
H42 DNR A 3 -5.02 -6.59 -3.87
H5 DNR A 3 -3.96 -8.18 -2.40
H2' DNR A 3 0.46 -7.29 -1.05
H2'' DNR A 3 2.12 -7.86 -1.30
H3' DNR A 3 -0.24 -9.40 -0.10
C2 U48 A 5 3.29 1.86 3.58
O2 U48 A 5 3.91 2.40 2.69
C4 U48 A 5 1.25 1.82 4.93
C5 U48 A 5 1.67 0.63 5.66
C6 U48 A 5 2.95 0.12 5.27
OP1 U48 A 5 7.16 -5.20 4.84
P U48 A 5 5.71 -5.22 4.44
OP2 U48 A 5 5.02 -6.52 4.72
O5' U48 A 5 4.93 -3.94 5.12
C5' U48 A 5 5.69 -2.80 5.56
C4' U48 A 5 6.15 -1.95 4.34
O4' U48 A 5 4.98 -1.27 3.81
C3' U48 A 5 7.11 -0.81 4.77
O3' U48 A 5 8.03 -0.49 3.72
C2' U48 A 5 6.17 0.38 5.00
C1' U48 A 5 5.07 0.16 3.94
N1 U48 A 5 3.74 0.73 4.26
C5M U48 A 5 0.82 -0.04 6.73
N4 U48 A 5 0.05 2.42 5.14
N3 U48 A 5 2.05 2.36 3.95
H6 U48 A 5 3.37 -0.78 5.71
H5' U48 A 5 5.07 -2.21 6.23
H5'' U48 A 5 6.55 -3.14 6.15
H4' U48 A 5 6.61 -2.57 3.57
H3' U48 A 5 7.66 -1.05 5.68
H3T U48 A 5 8.66 -1.23 3.64
H2' U48 A 5 5.75 0.35 6.02
H2'' U48 A 5 6.68 1.34 4.87
H1' U48 A 5 5.45 0.56 2.99
H53 U48 A 5 0.61 0.66 7.55
H51 U48 A 5 1.33 -0.92 7.15
H52 U48 A 5 -0.14 -0.35 6.30
H41 U48 A 5 -0.22 3.24 4.65
H42 U48 A 5 -0.58 2.07 5.83
H3 U48 A 5 1.72 3.15 3.40
P DNR B 4 -6.29 2.06 -7.33
OP1 DNR B 4 -7.49 1.45 -8.00
OP2 DNR B 4 -5.71 3.23 -8.05
O5' DNR B 4 -6.53 2.32 -5.75
C5' DNR B 4 -5.84 3.44 -5.17
C4' DNR B 4 -5.59 3.10 -3.70
O4' DNR B 4 -4.65 2.00 -3.67
C1' DNR B 4 -3.64 2.20 -2.66
N1 DNR B 4 -2.41 1.44 -2.98
C6 DNR B 4 -1.65 1.80 -4.11
C2 DNR B 4 -1.91 0.48 -2.10
O2 DNR B 4 -2.56 0.06 -1.14
N3 DNR B 4 -0.61 -0.02 -2.33
C4 DNR B 4 0.15 0.36 -3.34
N4 DNR B 4 1.39 -0.14 -3.45
C5 DNR B 4 -0.31 1.30 -4.34
C2' DNR B 4 -3.50 3.73 -2.60
C3' DNR B 4 -4.93 4.22 -2.86
O3' DNR B 4 -5.59 4.25 -1.60
H5' DNR B 4 -6.45 4.34 -5.27
H5'' DNR B 4 -4.88 3.62 -5.67
H4' DNR B 4 -6.54 2.82 -3.24
H1' DNR B 4 -4.08 1.86 -1.72
H6 DNR B 4 -2.14 2.47 -4.82
HN3 DNR B 4 -0.18 -0.73 -1.73
H41 DNR B 4 1.73 -0.81 -2.76
H42 DNR B 4 2.00 0.13 -4.22
H5 DNR B 4 0.29 1.59 -5.19
H2' DNR B 4 -2.84 4.11 -3.38
H2'' DNR B 4 -3.13 4.08 -1.64
H3' DNR B 4 -4.92 5.20 -3.37
N1 5CM B 5 -0.42 5.88 1.61
C2 5CM B 5 0.15 4.83 2.35
N3 5CM B 5 1.44 4.37 2.00
C4 5CM B 5 2.12 4.93 1.01
C5 5CM B 5 1.59 5.98 0.15
C5A 5CM B 5 2.36 6.57 -1.01
C6 5CM B 5 0.28 6.42 0.51
O2 5CM B 5 -0.42 4.28 3.28
N4 5CM B 5 3.31 4.36 0.77
C1' 5CM B 5 -1.74 6.42 1.99
C2' 5CM B 5 -1.88 7.96 2.11
C3' 5CM B 5 -3.31 8.26 1.62
C4' 5CM B 5 -3.87 6.89 1.18
O4' 5CM B 5 -2.70 6.07 0.98
O3' 5CM B 5 -4.08 8.79 2.70
C5' 5CM B 5 -4.71 6.92 -0.11
O5' 5CM B 5 -5.73 5.93 0.06
P 5CM B 5 -6.61 5.47 -1.23
OP1 5CM B 5 -7.96 4.96 -0.82
OP2 5CM B 5 -6.65 6.54 -2.28
H5A1 5CM B 5 1.78 7.33 -1.54
H5A2 5CM B 5 2.64 5.79 -1.74
H5A3 5CM B 5 3.29 7.03 -0.67
H6 5CM B 5 -0.25 7.19 -0.06
HN41 5CM B 5 3.56 3.58 1.35
HN42 5CM B 5 3.79 4.49 -0.08
H1' 5CM B 5 -2.09 5.98 2.94
H2' 5CM B 5 -1.15 8.50 1.51
H2'' 5CM B 5 -1.74 8.27 3.16
H3' 5CM B 5 -3.26 8.97 0.79
H4' 5CM B 5 -4.46 6.45 2.00
HO3' 5CM B 5 -4.97 8.98 2.36
H5' 5CM B 5 -5.18 7.89 -0.28
H5'' 5CM B 5 -4.08 6.68 -0.99
P DNR C 3 -5.22 6.54 11.75
OP1 DNR C 3 -6.36 7.30 12.36
OP2 DNR C 3 -5.32 5.07 12.02
O5' DNR C 3 -5.09 6.88 10.15
C5' DNR C 3 -5.07 5.78 9.21
C4' DNR C 3 -4.60 6.26 7.82
O4' DNR C 3 -3.24 6.75 7.78
C1' DNR C 3 -2.61 6.53 6.49
N1 DNR C 3 -1.26 5.94 6.67
C6 DNR C 3 -1.01 5.03 7.73
C2 DNR C 3 -0.22 6.27 5.81
O2 DNR C 3 -0.36 7.04 4.87
N3 DNR C 3 1.06 5.71 6.04
C4 DNR C 3 1.32 4.89 7.05
N4 DNR C 3 2.58 4.45 7.23
C5 DNR C 3 0.30 4.47 7.97
C2' DNR C 3 -3.60 5.63 5.72
C3' DNR C 3 -4.55 5.11 6.80
O3' DNR C 3 -5.87 4.87 6.30
H5' DNR C 3 -6.09 5.36 9.14
H5'' DNR C 3 -4.43 4.97 9.56
H4' DNR C 3 -5.27 7.04 7.44
H1' DNR C 3 -2.54 7.51 5.99
H6 DNR C 3 -1.87 4.78 8.35
HN3 DNR C 3 1.88 5.92 5.46
H41 DNR C 3 3.30 4.73 6.59
H42 DNR C 3 2.80 3.84 8.01
H5 DNR C 3 0.52 3.81 8.81
H2' DNR C 3 -3.11 4.81 5.19
H2'' DNR C 3 -4.16 6.23 4.98
H3' DNR C 3 -4.10 4.23 7.28
C2 U48 C 5 -2.97 -2.45 -3.67
O2 U48 C 5 -2.49 -1.66 -4.48
C4 U48 C 5 -2.57 -4.31 -2.14
C5 U48 C 5 -3.95 -4.32 -1.67
C6 U48 C 5 -4.78 -3.32 -2.29
OP1 U48 C 5 -9.33 -0.56 1.26
P U48 C 5 -7.87 -0.23 1.34
OP2 U48 C 5 -7.15 -1.02 2.40
O5' U48 C 5 -7.10 -0.41 -0.08
C5' U48 C 5 -7.86 -0.69 -1.28
C4' U48 C 5 -7.03 -0.21 -2.49
O4' U48 C 5 -5.66 -0.68 -2.38
C3' U48 C 5 -7.56 -0.72 -3.84
O3' U48 C 5 -8.00 0.35 -4.68
C2' U48 C 5 -6.41 -1.54 -4.46
C1' U48 C 5 -5.16 -1.24 -3.61
N1 U48 C 5 -4.30 -2.39 -3.23
C5M U48 C 5 -4.47 -5.28 -0.62
N4 U48 C 5 -1.64 -5.17 -1.65
N3 U48 C 5 -2.17 -3.43 -3.12
H6 U48 C 5 -5.83 -3.21 -2.01
H5' U48 C 5 -8.06 -1.76 -1.32
H5'' U48 C 5 -8.81 -0.15 -1.26
H4' U48 C 5 -7.03 0.88 -2.46
H3' U48 C 5 -8.41 -1.39 -3.68
H3T U48 C 5 -7.26 0.93 -5.03
H2' U48 C 5 -6.65 -2.61 -4.43
H2'' U48 C 5 -6.25 -1.26 -5.51
H1' U48 C 5 -4.59 -0.45 -4.12
H53 U48 C 5 -5.54 -5.12 -0.42
H51 U48 C 5 -3.93 -5.15 0.32
H52 U48 C 5 -4.34 -6.32 -0.94
H41 U48 C 5 -0.70 -5.17 -1.98
H42 U48 C 5 -1.87 -5.84 -0.96
H3 U48 C 5 -1.21 -3.47 -3.45
P DNR D 4 7.63 3.10 -0.96
OP1 DNR D 4 8.61 2.73 -2.03
OP2 DNR D 4 6.48 3.95 -1.45
O5' DNR D 4 6.96 1.78 -0.31
C5' DNR D 4 7.78 0.71 0.18
C4' DNR D 4 6.92 -0.59 0.27
O4' DNR D 4 5.58 -0.23 0.70
C1' DNR D 4 4.62 -0.34 -0.38
N1 DNR D 4 3.69 0.81 -0.45
C6 DNR D 4 3.87 1.85 -1.40
C2 DNR D 4 2.47 0.71 0.22
O2 DNR D 4 2.24 -0.12 1.09
N3 DNR D 4 1.43 1.60 -0.16
C4 DNR D 4 1.56 2.51 -1.12
N4 DNR D 4 0.52 3.31 -1.42
C5 DNR D 4 2.80 2.71 -1.83
C2' DNR D 4 5.43 -0.72 -1.64
C3' DNR D 4 6.73 -1.29 -1.09
O3' DNR D 4 6.52 -2.70 -0.88
H5' DNR D 4 8.64 0.54 -0.47
H5'' DNR D 4 8.17 0.98 1.17
H4' DNR D 4 7.37 -1.28 0.99
H1' DNR D 4 4.05 -1.24 -0.13
H6 DNR D 4 4.88 2.00 -1.75
HN3 DNR D 4 0.51 1.60 0.29
H41 DNR D 4 -0.36 3.19 -0.93
H42 DNR D 4 0.61 4.03 -2.11
H5 DNR D 4 2.95 3.48 -2.57
H2' DNR D 4 5.69 0.13 -2.27
H2'' DNR D 4 4.90 -1.45 -2.27
H3' DNR D 4 7.55 -1.11 -1.80
N1 5CM D 5 2.59 -4.32 -4.11
C2 5CM D 5 1.25 -4.24 -3.71
N3 5CM D 5 0.38 -3.35 -4.40
C4 5CM D 5 0.82 -2.64 -5.43
C5 5CM D 5 2.20 -2.64 -5.89
C5A 5CM D 5 2.69 -1.76 -7.03
C6 5CM D 5 3.07 -3.53 -5.18
O2 5CM D 5 0.80 -4.89 -2.79
N4 5CM D 5 -0.09 -1.78 -5.94
C1' 5CM D 5 3.53 -5.23 -3.43
C2' 5CM D 5 4.04 -6.42 -4.25
C3' 5CM D 5 5.28 -6.86 -3.46
C4' 5CM D 5 5.77 -5.55 -2.77
O4' 5CM D 5 4.76 -4.55 -3.11
O3' 5CM D 5 4.87 -7.82 -2.49
C5' 5CM D 5 7.17 -5.10 -3.25
O5' 5CM D 5 7.62 -3.85 -2.67
P 5CM D 5 7.81 -3.69 -1.05
OP1 5CM D 5 7.65 -4.99 -0.33
OP2 5CM D 5 9.06 -2.94 -0.70
H5A1 5CM D 5 2.17 -2.00 -7.96
H5A2 5CM D 5 3.77 -1.90 -7.19
H5A3 5CM D 5 2.51 -0.69 -6.80
H6 5CM D 5 4.13 -3.61 -5.39
HN41 5CM D 5 -0.98 -1.77 -5.52
HN42 5CM D 5 0.18 -1.02 -6.51
H1' 5CM D 5 3.11 -5.61 -2.49
H2' 5CM D 5 4.33 -6.10 -5.26
H2'' 5CM D 5 3.29 -7.21 -4.34
H3' 5CM D 5 6.04 -7.28 -4.13
H4' 5CM D 5 5.76 -5.71 -1.68
HO3' 5CM D 5 5.33 -8.65 -2.67
H5' 5CM D 5 7.91 -5.87 -3.01
H5'' 5CM D 5 7.17 -4.99 -4.34
P DNR A 3 -2.61 -12.37 -0.69
OP1 DNR A 3 -2.32 -13.50 0.27
OP2 DNR A 3 -3.88 -11.68 -0.28
O5' DNR A 3 -1.36 -11.32 -0.85
C5' DNR A 3 -0.02 -11.84 -0.93
C4' DNR A 3 0.96 -10.68 -1.23
O4' DNR A 3 0.60 -10.06 -2.49
C1' DNR A 3 0.75 -8.62 -2.46
N1 DNR A 3 -0.50 -8.00 -2.96
C6 DNR A 3 -1.73 -8.25 -2.28
C2 DNR A 3 -0.51 -7.16 -4.07
O2 DNR A 3 0.50 -6.94 -4.73
N3 DNR A 3 -1.73 -6.53 -4.43
C4 DNR A 3 -2.87 -6.74 -3.78
N4 DNR A 3 -3.99 -6.09 -4.16
C5 DNR A 3 -2.97 -7.63 -2.67
C2' DNR A 3 1.14 -8.26 -1.01
C3' DNR A 3 0.96 -9.55 -0.18
O3' DNR A 3 2.05 -9.75 0.72
H5' DNR A 3 0.25 -12.33 0.02
H5'' DNR A 3 0.05 -12.60 -1.72
H4' DNR A 3 1.97 -11.08 -1.33
H1' DNR A 3 1.59 -8.37 -3.12
H6 DNR A 3 -1.66 -8.94 -1.44
HN3 DNR A 3 -1.83 -5.89 -5.23
H41 DNR A 3 -4.02 -5.50 -5.00
H42 DNR A 3 -4.87 -6.63 -4.18
H5 DNR A 3 -3.90 -7.81 -2.14
H2' DNR A 3 0.55 -7.44 -0.60
H2'' DNR A 3 2.19 -7.95 -0.98
H3' DNR A 3 0.00 -9.53 0.36
C2 U48 A 5 3.81 1.75 3.74
O2 U48 A 5 4.50 2.29 2.89
C4 U48 A 5 1.66 1.75 4.91
C5 U48 A 5 2.03 0.63 5.75
C6 U48 A 5 3.34 0.10 5.49
OP1 U48 A 5 7.13 -5.73 5.31
P U48 A 5 5.73 -5.54 4.78
OP2 U48 A 5 4.94 -6.79 5.10
O5' U48 A 5 4.99 -4.19 5.35
C5' U48 A 5 5.78 -3.09 5.85
C4' U48 A 5 6.39 -2.23 4.71
O4' U48 A 5 5.32 -1.46 4.08
C3' U48 A 5 7.39 -1.19 5.24
O3' U48 A 5 8.49 -1.06 4.32
C2' U48 A 5 6.57 0.11 5.33
C1' U48 A 5 5.50 -0.03 4.23
N1 U48 A 5 4.20 0.64 4.49
C5M U48 A 5 1.10 0.02 6.79
N4 U48 A 5 0.42 2.31 4.97
N3 U48 A 5 2.53 2.26 3.98
H6 U48 A 5 3.73 -0.75 6.03
H5' U48 A 5 5.15 -2.47 6.50
H5'' U48 A 5 6.58 -3.48 6.51
H4' U48 A 5 6.87 -2.89 3.97
H3' U48 A 5 7.79 -1.46 6.22
H3T U48 A 5 9.02 -0.25 4.57
H2' U48 A 5 6.10 0.18 6.32
H2'' U48 A 5 7.18 1.00 5.19
H1' U48 A 5 5.94 0.34 3.30
H53 U48 A 5 0.18 -0.35 6.33
H51 U48 A 5 0.83 0.78 7.54
H52 U48 A 5 1.59 -0.81 7.31
H41 U48 A 5 0.08 2.94 4.23
H42 U48 A 5 -0.36 1.86 5.42
H3 U48 A 5 2.24 3.02 3.39
P DNR B 4 -6.84 2.45 -7.37
OP1 DNR B 4 -8.32 2.74 -7.30
OP2 DNR B 4 -6.23 3.47 -8.32
O5' DNR B 4 -6.16 2.41 -5.90
C5' DNR B 4 -5.03 3.25 -5.61
C4' DNR B 4 -4.57 2.97 -4.16
O4' DNR B 4 -3.66 1.84 -4.15
C1' DNR B 4 -2.71 1.99 -3.09
N1 DNR B 4 -1.52 1.15 -3.32
C6 DNR B 4 -0.70 1.38 -4.46
C2 DNR B 4 -1.12 0.21 -2.37
O2 DNR B 4 -1.79 -0.08 -1.39
N3 DNR B 4 0.14 -0.42 -2.55
C4 DNR B 4 0.95 -0.15 -3.57
N4 DNR B 4 2.14 -0.78 -3.65
C5 DNR B 4 0.58 0.76 -4.62
C2' DNR B 4 -2.46 3.51 -3.03
C3' DNR B 4 -3.78 4.13 -3.49
O3' DNR B 4 -4.47 4.59 -2.32
H5' DNR B 4 -5.32 4.30 -5.73
H5'' DNR B 4 -4.20 3.04 -6.32
H4' DNR B 4 -5.45 2.74 -3.54
H1' DNR B 4 -3.22 1.70 -2.15
H6 DNR B 4 -1.12 2.07 -5.19
HN3 DNR B 4 0.53 -1.11 -1.90
H41 DNR B 4 2.55 -1.28 -2.84
H42 DNR B 4 2.91 -0.39 -4.19
H5 DNR B 4 1.23 0.96 -5.48
H2' DNR B 4 -1.66 3.81 -3.72
H2'' DNR B 4 -2.17 3.85 -2.03
H3' DNR B 4 -3.57 4.96 -4.20
N1 5CM B 5 -0.06 5.44 1.05
C2 5CM B 5 0.50 4.56 1.98
N3 5CM B 5 1.87 4.17 1.86
C4 5CM B 5 2.61 4.71 0.89
C5 5CM B 5 2.13 5.66 -0.09
C5A 5CM B 5 3.01 6.28 -1.17
C6 5CM B 5 0.74 6.01 0.03
O2 5CM B 5 -0.13 4.08 2.90
N4 5CM B 5 3.88 4.29 0.90
C1' 5CM B 5 -1.48 5.83 1.19
C2' 5CM B 5 -1.71 7.18 1.89
C3' 5CM B 5 -3.10 7.62 1.41
C4' 5CM B 5 -3.34 6.79 0.11
O4' 5CM B 5 -2.12 6.04 -0.09
O3' 5CM B 5 -4.08 7.28 2.40
C5' 5CM B 5 -3.63 7.71 -1.11
O5' 5CM B 5 -3.93 6.96 -2.32
P 5CM B 5 -5.26 6.02 -2.43
OP1 5CM B 5 -6.26 6.22 -1.32
OP2 5CM B 5 -5.94 6.21 -3.76
H5A1 5CM B 5 2.44 6.99 -1.79
H5A2 5CM B 5 3.42 5.50 -1.82
H5A3 5CM B 5 3.85 6.81 -0.71
H6 5CM B 5 0.24 6.73 -0.62
HN41 5CM B 5 4.14 3.52 1.52
HN42 5CM B 5 4.39 4.19 0.02
H1' 5CM B 5 -2.05 5.07 1.73
H2' 5CM B 5 -0.96 7.91 1.56
H2'' 5CM B 5 -1.65 7.10 2.98
H3' 5CM B 5 -3.12 8.69 1.22
H4' 5CM B 5 -4.18 6.10 0.28
HO3' 5CM B 5 -4.02 7.96 3.13
H5' 5CM B 5 -4.47 8.38 -0.88
H5'' 5CM B 5 -2.75 8.35 -1.30
P DNR C 3 -5.00 5.43 11.87
OP1 DNR C 3 -6.23 5.95 12.56
OP2 DNR C 3 -4.80 4.00 12.31
O5' DNR C 3 -5.13 5.64 10.25
C5' DNR C 3 -4.93 4.51 9.38
C4' DNR C 3 -4.75 4.98 7.91
O4' DNR C 3 -3.50 5.69 7.76
C1' DNR C 3 -2.82 5.42 6.52
N1 DNR C 3 -1.41 5.05 6.80
C6 DNR C 3 -1.10 4.11 7.80
C2 DNR C 3 -0.36 5.63 6.08
O2 DNR C 3 -0.54 6.46 5.20
N3 DNR C 3 0.97 5.23 6.39
C4 DNR C 3 1.26 4.35 7.33
N4 DNR C 3 2.55 4.03 7.56
C5 DNR C 3 0.25 3.72 8.13
C2' DNR C 3 -3.65 4.31 5.81
C3' DNR C 3 -4.64 3.81 6.89
O3' DNR C 3 -5.91 3.34 6.39
H5' DNR C 3 -5.80 3.84 9.45
H5'' DNR C 3 -4.05 3.92 9.69
H4' DNR C 3 -5.57 5.66 7.64
H1' DNR C 3 -2.87 6.33 5.90
H6 DNR C 3 -1.96 3.69 8.33
HN3 DNR C 3 1.81 5.59 5.91
H41 DNR C 3 3.25 4.15 6.81
H42 DNR C 3 3.02 4.49 8.36
H5 DNR C 3 0.49 3.00 8.91
H2' DNR C 3 -3.02 3.49 5.45
H2'' DNR C 3 -4.16 4.75 4.95
H3' DNR C 3 -4.16 2.97 7.40
C2 U48 C 5 -3.30 -2.36 -3.16
O2 U48 C 5 -2.93 -1.69 -4.12
C4 U48 C 5 -2.75 -4.15 -1.60
C5 U48 C 5 -4.02 -4.05 -0.91
C6 U48 C 5 -4.89 -3.04 -1.44
OP1 U48 C 5 -9.84 1.47 0.09
P U48 C 5 -8.60 1.15 0.88
OP2 U48 C 5 -8.93 1.19 2.35
O5' U48 C 5 -7.91 -0.28 0.46
C5' U48 C 5 -8.22 -0.88 -0.82
C4' U48 C 5 -7.46 -0.17 -1.98
O4' U48 C 5 -6.04 -0.44 -1.85
C3' U48 C 5 -7.87 -0.75 -3.36
O3' U48 C 5 -7.93 0.29 -4.35
C2' U48 C 5 -6.75 -1.74 -3.70
C1' U48 C 5 -5.51 -1.18 -2.99
N1 U48 C 5 -4.54 -2.20 -2.52
C5M U48 C 5 -4.40 -4.93 0.26
N4 U48 C 5 -1.78 -5.02 -1.19
N3 U48 C 5 -2.45 -3.34 -2.66
H6 U48 C 5 -5.87 -2.85 -1.00
H5' U48 C 5 -7.94 -1.94 -0.79
H5'' U48 C 5 -9.30 -0.85 -1.00
H4' U48 C 5 -7.65 0.90 -1.97
H3' U48 C 5 -8.83 -1.27 -3.32
H3T U48 C 5 -8.26 -0.12 -5.20
H2' U48 C 5 -7.00 -2.74 -3.32
H2'' U48 C 5 -6.58 -1.83 -4.79
H1' U48 C 5 -5.02 -0.45 -3.65
H53 U48 C 5 -4.38 -6.00 -0.01
H51 U48 C 5 -5.41 -4.70 0.63
H52 U48 C 5 -3.70 -4.78 1.11
H41 U48 C 5 -0.80 -4.94 -1.50
H42 U48 C 5 -1.82 -5.51 -0.30
H3 U48 C 5 -1.56 -3.43 -3.13
P DNR D 4 9.67 2.11 3.38
OP1 DNR D 4 10.05 1.23 4.55
OP2 DNR D 4 10.89 2.39 2.56
O5' DNR D 4 8.44 1.39 2.59
C5' DNR D 4 8.63 0.94 1.24
C4' DNR D 4 7.47 -0.04 0.92
O4' DNR D 4 6.23 0.68 0.76
C1' DNR D 4 5.29 -0.16 0.09
N1 DNR D 4 4.16 0.66 -0.40
C6 DNR D 4 4.34 1.53 -1.51
C2 DNR D 4 2.93 0.63 0.26
O2 DNR D 4 2.72 -0.04 1.25
N3 DNR D 4 1.89 1.44 -0.26
C4 DNR D 4 2.04 2.22 -1.33
N4 DNR D 4 0.99 2.96 -1.76
C5 DNR D 4 3.28 2.34 -2.03
C2' DNR D 4 6.17 -0.93 -0.93
C3' DNR D 4 7.60 -0.86 -0.38
O3' DNR D 4 8.09 -2.17 -0.04
H5' DNR D 4 8.64 1.78 0.54
H5'' DNR D 4 9.59 0.41 1.15
H4' DNR D 4 7.37 -0.75 1.76
H1' DNR D 4 4.93 -0.90 0.83
H6 DNR D 4 5.36 1.58 -1.91
HN3 DNR D 4 0.95 1.49 0.15
H41 DNR D 4 0.15 3.06 -1.17
H42 DNR D 4 1.15 3.87 -2.19
H5 DNR D 4 3.41 2.99 -2.89
H2' DNR D 4 6.13 -0.49 -1.94
H2'' DNR D 4 5.80 -1.97 -1.02
H3' DNR D 4 8.28 -0.34 -1.08
N1 5CM D 5 2.33 -4.37 -3.96
C2 5CM D 5 1.06 -4.25 -3.42
N3 5CM D 5 0.05 -3.51 -4.12
C4 5CM D 5 0.34 -2.97 -5.29
C5 5CM D 5 1.64 -3.04 -5.94
C5A 5CM D 5 1.95 -2.38 -7.27
C6 5CM D 5 2.64 -3.77 -5.21
O2 5CM D 5 0.72 -4.76 -2.36
N4 5CM D 5 -0.67 -2.29 -5.83
C1' 5CM D 5 3.36 -5.20 -3.30
C2' 5CM D 5 3.99 -6.32 -4.17
C3' 5CM D 5 5.51 -6.12 -4.07
C4' 5CM D 5 5.67 -5.19 -2.85
O4' 5CM D 5 4.47 -4.38 -2.89
O3' 5CM D 5 6.19 -7.36 -3.86
C5' 5CM D 5 6.92 -4.30 -2.86
O5' 5CM D 5 7.32 -4.04 -1.49
P 5CM D 5 8.67 -3.16 -1.22
OP1 5CM D 5 9.77 -4.02 -0.68
OP2 5CM D 5 9.18 -2.43 -2.44
H5A1 5CM D 5 1.81 -1.30 -7.21
H5A2 5CM D 5 1.29 -2.77 -8.06
H5A3 5CM D 5 2.99 -2.56 -7.58
H6 5CM D 5 3.67 -3.86 -5.55
HN41 5CM D 5 -1.44 -2.01 -5.23
HN42 5CM D 5 -0.47 -1.52 -6.46
H1' 5CM D 5 2.96 -5.67 -2.39
H2' 5CM D 5 3.66 -6.28 -5.21
H2'' 5CM D 5 3.70 -7.31 -3.77
H3' 5CM D 5 5.88 -5.61 -4.97
H4' 5CM D 5 5.65 -5.81 -1.93
HO3' 5CM D 5 6.14 -7.89 -4.72
H5' 5CM D 5 7.74 -4.82 -3.37
H5'' 5CM D 5 6.73 -3.37 -3.40
P DNR A 3 -2.44 -12.72 -0.40
OP1 DNR A 3 -2.23 -13.82 0.61
OP2 DNR A 3 -3.77 -12.06 -0.17
O5' DNR A 3 -1.21 -11.64 -0.43
C5' DNR A 3 0.14 -12.12 -0.32
C4' DNR A 3 1.13 -10.94 -0.56
O4' DNR A 3 0.93 -10.40 -1.88
C1' DNR A 3 1.10 -8.96 -1.91
N1 DNR A 3 -0.07 -8.34 -2.57
C6 DNR A 3 -1.38 -8.61 -2.08
C2 DNR A 3 0.07 -7.45 -3.64
O2 DNR A 3 1.16 -7.18 -4.12
N3 DNR A 3 -1.10 -6.85 -4.18
C4 DNR A 3 -2.32 -7.10 -3.72
N4 DNR A 3 -3.38 -6.48 -4.25
C5 DNR A 3 -2.56 -8.01 -2.64
C2' DNR A 3 1.33 -8.54 -0.44
C3' DNR A 3 0.96 -9.76 0.42
O3' DNR A 3 1.87 -9.93 1.53
H5' DNR A 3 0.31 -12.55 0.68
H5'' DNR A 3 0.33 -12.91 -1.06
H4' DNR A 3 2.16 -11.32 -0.51
H1' DNR A 3 2.02 -8.76 -2.48
H6 DNR A 3 -1.43 -9.32 -1.25
HN3 DNR A 3 -1.10 -6.19 -4.96
H41 DNR A 3 -3.30 -5.90 -5.11
H42 DNR A 3 -4.27 -7.00 -4.33
H5 DNR A 3 -3.56 -8.23 -2.27
H2' DNR A 3 0.74 -7.66 -0.17
H2'' DNR A 3 2.39 -8.28 -0.31
H3' DNR A 3 -0.07 -9.69 0.78
C2 U48 A 5 2.94 2.36 3.63
O2 U48 A 5 3.49 2.97 2.73
C4 U48 A 5 0.87 1.97 4.88
C5 U48 A 5 1.47 0.95 5.71
C6 U48 A 5 2.86 0.70 5.42
OP1 U48 A 5 7.65 -3.20 2.55
P U48 A 5 6.51 -3.82 3.32
OP2 U48 A 5 6.77 -5.29 3.48
O5' U48 A 5 6.19 -3.10 4.75
C5' U48 A 5 6.88 -1.89 5.17
C4' U48 A 5 6.62 -0.67 4.24
O4' U48 A 5 5.20 -0.40 4.13
C3' U48 A 5 7.24 0.64 4.82
O3' U48 A 5 8.06 1.29 3.85
C2' U48 A 5 6.01 1.52 5.14
C1' U48 A 5 4.98 1.03 4.12
N1 U48 A 5 3.57 1.38 4.39
C5M U48 A 5 0.72 0.20 6.78
N4 U48 A 5 -0.43 2.33 4.99
N3 U48 A 5 1.61 2.63 3.91
H6 U48 A 5 3.44 -0.05 5.96
H5' U48 A 5 6.55 -1.65 6.19
H5'' U48 A 5 7.96 -2.09 5.23
H4' U48 A 5 7.03 -0.85 3.25
H3' U48 A 5 7.82 0.45 5.73
H3T U48 A 5 8.61 1.98 4.33
H2' U48 A 5 5.67 1.33 6.16
H2'' U48 A 5 6.22 2.59 5.03
H1' U48 A 5 5.27 1.40 3.13
H53 U48 A 5 -0.15 -0.33 6.37
H51 U48 A 5 0.36 0.89 7.55
H52 U48 A 5 1.36 -0.55 7.28
H41 U48 A 5 -0.89 3.07 4.42
H42 U48 A 5 -1.09 1.91 5.63
H3 U48 A 5 1.18 3.35 3.36
P DNR B 4 -4.52 2.75 -8.22
OP1 DNR B 4 -5.44 2.57 -9.40
OP2 DNR B 4 -3.46 3.78 -8.59
O5' DNR B 4 -5.35 3.11 -6.87
C5' DNR B 4 -4.72 3.91 -5.84
C4' DNR B 4 -5.18 3.37 -4.47
O4' DNR B 4 -4.44 2.14 -4.20
C1' DNR B 4 -3.74 2.22 -2.93
N1 DNR B 4 -2.48 1.46 -2.98
C6 DNR B 4 -1.54 1.71 -4.02
C2 DNR B 4 -2.13 0.59 -1.95
O2 DNR B 4 -2.89 0.31 -1.04
N3 DNR B 4 -0.82 0.03 -1.97
C4 DNR B 4 0.06 0.29 -2.92
N4 DNR B 4 1.30 -0.25 -2.80
C5 DNR B 4 -0.22 1.14 -4.03
C2' DNR B 4 -3.59 3.73 -2.68
C3' DNR B 4 -4.86 4.32 -3.29
O3' DNR B 4 -5.90 4.19 -2.31
H5' DNR B 4 -5.01 4.96 -5.97
H5'' DNR B 4 -3.62 3.86 -5.90
H4' DNR B 4 -6.26 3.16 -4.51
H1' DNR B 4 -4.41 1.81 -2.17
H6 DNR B 4 -1.91 2.37 -4.82
HN3 DNR B 4 -0.49 -0.62 -1.26
H41 DNR B 4 1.51 -1.01 -2.14
H42 DNR B 4 1.97 -0.27 -3.57
H5 DNR B 4 0.50 1.35 -4.81
H2' DNR B 4 -2.70 4.13 -3.19
H2'' DNR B 4 -3.49 3.96 -1.61
H3' DNR B 4 -4.70 5.36 -3.59
N1 5CM B 5 -1.36 5.98 1.62
C2 5CM B 5 -0.67 5.06 2.42
N3 5CM B 5 0.68 4.74 2.12
C4 5CM B 5 1.29 5.36 1.11
C5 5CM B 5 0.65 6.30 0.21
C5A 5CM B 5 1.34 6.94 -0.98
C6 5CM B 5 -0.73 6.58 0.51
O2 5CM B 5 -1.17 4.48 3.37
N4 5CM B 5 2.56 4.99 0.93
C1' 5CM B 5 -2.74 6.39 1.96
C2' 5CM B 5 -2.95 7.91 2.19
C3' 5CM B 5 -4.02 8.35 1.18
C4' 5CM B 5 -4.70 7.02 0.80
O4' 5CM B 5 -3.61 6.08 0.85
O3' 5CM B 5 -4.94 9.29 1.76
C5' 5CM B 5 -5.34 6.99 -0.62
O5' 5CM B 5 -6.30 5.92 -0.64
P 5CM B 5 -6.94 5.42 -2.06
OP1 5CM B 5 -8.36 4.92 -1.89
OP2 5CM B 5 -6.92 6.48 -3.14
H5A1 5CM B 5 0.67 7.63 -1.51
H5A2 5CM B 5 1.70 6.18 -1.69
H5A3 5CM B 5 2.22 7.51 -0.65
H6 5CM B 5 -1.34 7.25 -0.09
HN41 5CM B 5 2.92 4.20 1.48
HN42 5CM B 5 2.96 4.95 0.01
H1' 5CM B 5 -3.12 5.84 2.84
H2' 5CM B 5 -2.01 8.48 2.04
H2'' 5CM B 5 -3.27 8.08 3.22
H3' 5CM B 5 -3.54 8.78 0.30
H4' 5CM B 5 -5.46 6.75 1.55
HO3' 5CM B 5 -5.33 8.90 2.59
H5' 5CM B 5 -5.85 7.94 -0.82
H5'' 5CM B 5 -4.56 6.84 -1.38
P DNR C 3 -4.54 5.38 12.07
OP1 DNR C 3 -5.55 5.97 13.01
OP2 DNR C 3 -4.66 3.88 12.14
O5' DNR C 3 -4.74 6.00 10.56
C5' DNR C 3 -4.78 5.09 9.43
C4' DNR C 3 -4.69 5.85 8.08
O4' DNR C 3 -3.37 6.43 7.88
C1' DNR C 3 -2.88 6.30 6.53
N1 DNR C 3 -1.50 5.72 6.57
C6 DNR C 3 -1.24 4.63 7.44
C2 DNR C 3 -0.45 6.26 5.83
O2 DNR C 3 -0.61 7.18 5.05
N3 DNR C 3 0.85 5.69 5.98
C4 DNR C 3 1.10 4.70 6.84
N4 DNR C 3 2.34 4.19 6.96
C5 DNR C 3 0.07 4.09 7.64
C2' DNR C 3 -3.94 5.43 5.79
C3' DNR C 3 -4.90 4.92 6.87
O3' DNR C 3 -6.26 5.03 6.43
H5' DNR C 3 -5.71 4.51 9.48
H5'' DNR C 3 -3.95 4.36 9.51
H4' DNR C 3 -5.44 6.65 8.05
H1' DNR C 3 -2.86 7.30 6.07
H6 DNR C 3 -2.11 4.23 7.97
HN3 DNR C 3 1.68 6.01 5.48
H41 DNR C 3 3.14 4.62 6.47
H42 DNR C 3 2.68 4.00 7.93
H5 DNR C 3 0.28 3.27 8.32
H2' DNR C 3 -3.48 4.61 5.23
H2'' DNR C 3 -4.48 6.06 5.07
H3' DNR C 3 -4.63 3.89 7.13
C2 U48 C 5 -3.16 -2.44 -3.33
O2 U48 C 5 -2.55 -1.67 -4.07
C4 U48 C 5 -3.02 -4.33 -1.78
C5 U48 C 5 -4.44 -4.30 -1.48
C6 U48 C 5 -5.15 -3.26 -2.18
OP1 U48 C 5 -9.92 0.67 0.59
P U48 C 5 -8.44 0.63 0.86
OP2 U48 C 5 -8.20 -0.35 1.99
O5' U48 C 5 -7.53 0.28 -0.46
C5' U48 C 5 -8.15 0.09 -1.74
C4' U48 C 5 -7.09 0.23 -2.86
O4' U48 C 5 -5.88 -0.49 -2.48
C3' U48 C 5 -7.53 -0.39 -4.22
O3' U48 C 5 -7.43 0.56 -5.28
C2' U48 C 5 -6.56 -1.56 -4.45
C1' U48 C 5 -5.32 -1.21 -3.59
N1 U48 C 5 -4.54 -2.35 -3.07
C5M U48 C 5 -5.11 -5.24 -0.50
N4 U48 C 5 -2.18 -5.20 -1.16
N3 U48 C 5 -2.47 -3.45 -2.68
H6 U48 C 5 -6.22 -3.09 -2.01
H5' U48 C 5 -8.63 -0.89 -1.77
H5'' U48 C 5 -8.93 0.85 -1.91
H4' U48 C 5 -6.84 1.28 -3.00
H3' U48 C 5 -8.56 -0.76 -4.16
H3T U48 C 5 -7.83 0.16 -6.10
H2' U48 C 5 -7.02 -2.50 -4.12
H2'' U48 C 5 -6.28 -1.68 -5.52
H1' U48 C 5 -4.70 -0.53 -4.18
H53 U48 C 5 -4.99 -6.27 -0.82
H51 U48 C 5 -6.19 -5.03 -0.42
H52 U48 C 5 -4.66 -5.14 0.50
H41 U48 C 5 -1.15 -5.17 -1.25
H42 U48 C 5 -2.44 -5.80 -0.38
H3 U48 C 5 -1.48 -3.52 -2.89
P DNR D 4 8.17 3.72 -1.14
OP1 DNR D 4 9.44 3.42 -1.90
OP2 DNR D 4 7.30 4.62 -1.99
O5' DNR D 4 7.38 2.37 -0.67
C5' DNR D 4 8.13 1.35 0.03
C4' DNR D 4 7.25 0.11 0.27
O4' DNR D 4 6.02 0.49 0.93
C1' DNR D 4 4.89 -0.28 0.47
N1 DNR D 4 3.81 0.65 0.07
C6 DNR D 4 4.00 1.55 -1.02
C2 DNR D 4 2.57 0.64 0.72
O2 DNR D 4 2.35 -0.07 1.69
N3 DNR D 4 1.55 1.48 0.23
C4 DNR D 4 1.71 2.29 -0.81
N4 DNR D 4 0.66 3.04 -1.23
C5 DNR D 4 2.96 2.41 -1.50
C2' DNR D 4 5.44 -1.19 -0.67
C3' DNR D 4 6.84 -0.65 -1.01
O3' DNR D 4 7.80 -1.70 -1.24
H5' DNR D 4 9.02 1.07 -0.55
H5'' DNR D 4 8.48 1.75 1.00
H4' DNR D 4 7.79 -0.58 0.93
H1' DNR D 4 4.57 -0.94 1.30
H6 DNR D 4 5.01 1.55 -1.44
HN3 DNR D 4 0.61 1.52 0.63
H41 DNR D 4 -0.19 3.17 -0.65
H42 DNR D 4 0.78 3.85 -1.83
H5 DNR D 4 3.11 3.08 -2.35
H2' DNR D 4 4.79 -1.20 -1.55
H2'' DNR D 4 5.51 -2.21 -0.30
H3' DNR D 4 6.80 0.05 -1.86
N1 5CM D 5 2.52 -4.33 -2.76
C2 5CM D 5 1.12 -4.40 -2.63
N3 5CM D 5 0.30 -3.68 -3.54
C4 5CM D 5 0.85 -3.00 -4.52
C5 5CM D 5 2.28 -2.80 -4.70
C5A 5CM D 5 2.90 -1.95 -5.79
C6 5CM D 5 3.09 -3.50 -3.75
O2 5CM D 5 0.56 -5.06 -1.78
N4 5CM D 5 -0.03 -2.37 -5.31
C1' 5CM D 5 3.38 -5.29 -2.04
C2' 5CM D 5 4.20 -6.23 -2.96
C3' 5CM D 5 5.45 -6.59 -2.14
C4' 5CM D 5 5.57 -5.44 -1.10
O4' 5CM D 5 4.37 -4.61 -1.25
O3' 5CM D 5 5.22 -7.84 -1.49
C5' 5CM D 5 6.82 -4.56 -1.27
O5' 5CM D 5 6.64 -3.62 -2.36
P 5CM D 5 7.80 -2.52 -2.67
OP1 5CM D 5 9.15 -3.15 -2.90
OP2 5CM D 5 7.44 -1.65 -3.85
H5A1 5CM D 5 3.99 -1.94 -5.72
H5A2 5CM D 5 2.54 -0.91 -5.73
H5A3 5CM D 5 2.62 -2.34 -6.78
H6 5CM D 5 4.19 -3.43 -3.72
HN41 5CM D 5 -0.92 -2.08 -4.90
HN42 5CM D 5 0.29 -1.62 -5.92
H1' 5CM D 5 2.80 -5.93 -1.34
H2' 5CM D 5 4.52 -5.72 -3.87
H2'' 5CM D 5 3.64 -7.12 -3.26
H3' 5CM D 5 6.33 -6.65 -2.79
H4' 5CM D 5 5.58 -5.87 -0.10
HO3' 5CM D 5 6.10 -8.18 -1.14
H5' 5CM D 5 7.01 -4.01 -0.33
H5'' 5CM D 5 7.72 -5.18 -1.46
P DNR A 3 -2.15 -12.51 0.28
OP1 DNR A 3 -1.54 -13.61 1.11
OP2 DNR A 3 -3.41 -11.95 0.85
O5' DNR A 3 -1.07 -11.32 -0.02
C5' DNR A 3 0.33 -11.66 -0.14
C4' DNR A 3 1.14 -10.42 -0.62
O4' DNR A 3 0.65 -9.98 -1.92
C1' DNR A 3 0.82 -8.56 -2.10
N1 DNR A 3 -0.44 -7.98 -2.60
C6 DNR A 3 -1.64 -8.14 -1.86
C2 DNR A 3 -0.49 -7.30 -3.82
O2 DNR A 3 0.50 -7.11 -4.50
N3 DNR A 3 -1.75 -6.83 -4.26
C4 DNR A 3 -2.88 -7.02 -3.61
N4 DNR A 3 -4.03 -6.57 -4.15
C5 DNR A 3 -2.92 -7.69 -2.34
C2' DNR A 3 1.27 -8.01 -0.71
C3' DNR A 3 1.05 -9.17 0.27
O3' DNR A 3 2.08 -9.17 1.25
H5' DNR A 3 0.71 -12.00 0.83
H5'' DNR A 3 0.44 -12.48 -0.85
H4' DNR A 3 2.19 -10.71 -0.73
H1' DNR A 3 1.64 -8.42 -2.81
H6 DNR A 3 -1.54 -8.69 -0.92
HN3 DNR A 3 -1.87 -6.33 -5.15
H41 DNR A 3 -4.02 -6.09 -5.04
H42 DNR A 3 -4.91 -6.71 -3.67
H5 DNR A 3 -3.85 -7.85 -1.79
H2' DNR A 3 0.71 -7.12 -0.42
H2'' DNR A 3 2.33 -7.74 -0.76
H3' DNR A 3 0.05 -9.12 0.74
C2 U48 A 5 3.24 2.35 3.22
O2 U48 A 5 3.79 2.91 2.30
C4 U48 A 5 1.26 2.17 4.65
C5 U48 A 5 1.83 1.08 5.43
C6 U48 A 5 3.13 0.68 5.01
OP1 U48 A 5 7.58 -4.50 4.84
P U48 A 5 6.13 -4.51 4.48
OP2 U48 A 5 5.42 -5.76 4.91
O5' U48 A 5 5.37 -3.16 5.04
C5' U48 A 5 6.14 -1.98 5.32
C4' U48 A 5 6.44 -1.20 4.01
O4' U48 A 5 5.18 -0.66 3.52
C3' U48 A 5 7.33 0.03 4.28
O3' U48 A 5 8.15 0.32 3.15
C2' U48 A 5 6.32 1.17 4.49
C1' U48 A 5 5.16 0.78 3.54
N1 U48 A 5 3.82 1.28 3.93
C5M U48 A 5 1.09 0.42 6.58
N4 U48 A 5 0.01 2.65 4.87
N3 U48 A 5 1.98 2.74 3.62
H6 U48 A 5 3.66 -0.15 5.49
H5' U48 A 5 5.57 -1.35 6.01
H5'' U48 A 5 7.07 -2.25 5.84
H4' U48 A 5 6.90 -1.85 3.27
H3' U48 A 5 7.97 -0.10 5.17
H3T U48 A 5 8.87 0.93 3.43
H2' U48 A 5 5.98 1.19 5.54
H2'' U48 A 5 6.73 2.15 4.25
H1' U48 A 5 5.43 1.13 2.54
H53 U48 A 5 0.13 -0.01 6.24
H51 U48 A 5 0.87 1.15 7.37
H52 U48 A 5 1.68 -0.40 7.02
H41 U48 A 5 -0.37 3.41 4.33
H42 U48 A 5 -0.56 2.27 5.58
H3 U48 A 5 1.56 3.49 3.09
P DNR B 4 -6.94 0.96 -7.70
OP1 DNR B 4 -8.39 0.62 -7.69
OP2 DNR B 4 -6.57 2.02 -8.71
O5' DNR B 4 -6.42 1.34 -6.19
C5' DNR B 4 -5.62 2.53 -6.03
C4' DNR B 4 -5.13 2.58 -4.57
O4' DNR B 4 -3.92 1.82 -4.42
C1' DNR B 4 -3.22 2.25 -3.26
N1 DNR B 4 -1.84 1.72 -3.29
C6 DNR B 4 -0.93 2.18 -4.27
C2 DNR B 4 -1.45 0.68 -2.43
O2 DNR B 4 -2.19 0.20 -1.59
N3 DNR B 4 -0.12 0.21 -2.53
C4 DNR B 4 0.75 0.67 -3.43
N4 DNR B 4 2.01 0.16 -3.45
C5 DNR B 4 0.41 1.70 -4.38
C2' DNR B 4 -3.43 3.79 -3.28
C3' DNR B 4 -4.76 3.98 -4.03
O3' DNR B 4 -5.79 4.36 -3.10
H5' DNR B 4 -6.24 3.40 -6.26
H5'' DNR B 4 -4.77 2.51 -6.72
H4' DNR B 4 -5.90 2.15 -3.92
H1' DNR B 4 -3.77 1.87 -2.38
H6 DNR B 4 -1.34 2.91 -4.98
HN3 DNR B 4 0.25 -0.55 -1.94
H41 DNR B 4 2.26 -0.56 -2.79
H42 DNR B 4 2.68 0.48 -4.13
H5 DNR B 4 1.12 2.06 -5.13
H2' DNR B 4 -2.63 4.31 -3.83
H2'' DNR B 4 -3.45 4.21 -2.27
H3' DNR B 4 -4.67 4.71 -4.85
N1 5CM B 5 -0.81 6.24 1.56
C2 5CM B 5 -0.19 5.20 2.24
N3 5CM B 5 1.14 4.84 1.90
C4 5CM B 5 1.79 5.51 0.94
C5 5CM B 5 1.21 6.58 0.15
C5A 5CM B 5 1.92 7.26 -1.00
C6 5CM B 5 -0.14 6.92 0.51
O2 5CM B 5 -0.73 4.55 3.12
N4 5CM B 5 3.00 5.04 0.66
C1' 5CM B 5 -2.23 6.56 1.81
C2' 5CM B 5 -2.55 8.04 2.14
C3' 5CM B 5 -3.71 8.43 1.21
C4' 5CM B 5 -4.14 7.10 0.55
O4' 5CM B 5 -2.95 6.31 0.59
O3' 5CM B 5 -4.78 8.99 1.98
C5' 5CM B 5 -4.60 7.22 -0.91
O5' 5CM B 5 -5.25 5.99 -1.28
P 5CM B 5 -5.99 5.95 -2.74
OP1 5CM B 5 -7.43 6.32 -2.56
OP2 5CM B 5 -5.27 6.85 -3.69
H5A1 5CM B 5 1.27 7.98 -1.51
H5A2 5CM B 5 2.29 6.54 -1.74
H5A3 5CM B 5 2.80 7.82 -0.62
H6 5CM B 5 -0.72 7.68 -0.02
HN41 5CM B 5 3.32 4.26 1.18
HN42 5CM B 5 3.47 5.26 -0.18
H1' 5CM B 5 -2.67 5.92 2.59
H2' 5CM B 5 -1.69 8.69 1.96
H2'' 5CM B 5 -2.83 8.14 3.19
H3' 5CM B 5 -3.37 9.14 0.45
H4' 5CM B 5 -4.91 6.61 1.16
HO3' 5CM B 5 -5.47 9.28 1.37
H5' 5CM B 5 -5.33 8.04 -1.01
H5'' 5CM B 5 -3.76 7.42 -1.58
P DNR C 3 -5.09 5.81 11.80
OP1 DNR C 3 -6.21 6.48 12.55
OP2 DNR C 3 -5.15 4.32 11.90
O5' DNR C 3 -5.05 6.33 10.25
C5' DNR C 3 -4.97 5.33 9.20
C4' DNR C 3 -4.68 5.98 7.82
O4' DNR C 3 -3.39 6.65 7.75
C1' DNR C 3 -2.80 6.55 6.42
N1 DNR C 3 -1.39 6.05 6.52
C6 DNR C 3 -1.08 5.05 7.49
C2 DNR C 3 -0.40 6.49 5.65
O2 DNR C 3 -0.61 7.33 4.79
N3 DNR C 3 0.91 5.93 5.77
C4 DNR C 3 1.20 5.02 6.70
N4 DNR C 3 2.46 4.53 6.78
C5 DNR C 3 0.24 4.51 7.63
C2' DNR C 3 -3.74 5.62 5.63
C3' DNR C 3 -4.56 4.92 6.73
O3' DNR C 3 -5.86 4.57 6.26
H5' DNR C 3 -5.93 4.80 9.16
H5'' DNR C 3 -4.21 4.58 9.44
H4' DNR C 3 -5.47 6.70 7.57
H1' DNR C 3 -2.80 7.56 5.97
H6 DNR C 3 -1.90 4.74 8.13
HN3 DNR C 3 1.71 6.21 5.19
H41 DNR C 3 3.17 4.88 6.14
H42 DNR C 3 2.70 3.85 7.48
H5 DNR C 3 0.50 3.77 8.38
H2' DNR C 3 -3.20 4.89 5.01
H2'' DNR C 3 -4.40 6.20 4.98
H3' DNR C 3 -4.02 4.06 7.12
C2 U48 C 5 -3.09 -2.38 -3.52
O2 U48 C 5 -2.71 -1.72 -4.48
C4 U48 C 5 -2.52 -4.07 -1.85
C5 U48 C 5 -3.80 -3.97 -1.20
C6 U48 C 5 -4.70 -3.03 -1.80
OP1 U48 C 5 -9.81 0.92 0.75
P U48 C 5 -8.34 0.83 1.09
OP2 U48 C 5 -8.10 0.25 2.45
O5' U48 C 5 -7.48 0.00 -0.02
C5' U48 C 5 -8.09 -0.47 -1.23
C4' U48 C 5 -7.20 -0.10 -2.43
O4' U48 C 5 -5.83 -0.52 -2.20
C3' U48 C 5 -7.65 -0.79 -3.73
O3' U48 C 5 -8.15 0.17 -4.65
C2' U48 C 5 -6.42 -1.56 -4.26
C1' U48 C 5 -5.24 -1.14 -3.36
N1 U48 C 5 -4.33 -2.23 -2.92
C5M U48 C 5 -4.17 -4.76 0.04
N4 U48 C 5 -1.53 -4.88 -1.38
N3 U48 C 5 -2.24 -3.32 -2.97
H6 U48 C 5 -5.69 -2.83 -1.40
H5' U48 C 5 -8.23 -1.56 -1.16
H5'' U48 C 5 -9.08 -0.02 -1.38
H4' U48 C 5 -7.22 0.99 -2.54
H3' U48 C 5 -8.44 -1.51 -3.52
H3T U48 C 5 -7.44 0.54 -5.26
H2' U48 C 5 -6.60 -2.64 -4.18
H2'' U48 C 5 -6.21 -1.34 -5.31
H1' U48 C 5 -4.67 -0.38 -3.89
H53 U48 C 5 -4.14 -5.84 -0.17
H51 U48 C 5 -5.19 -4.51 0.39
H52 U48 C 5 -3.47 -4.57 0.86
H41 U48 C 5 -0.64 -4.96 -1.83
H42 U48 C 5 -1.67 -5.42 -0.56
H3 U48 C 5 -1.30 -3.38 -3.39
P DNR D 4 7.91 3.59 -1.34
OP1 DNR D 4 9.02 3.33 -2.30
OP2 DNR D 4 6.76 4.37 -1.92
O5' DNR D 4 7.28 2.19 -0.79
C5' DNR D 4 8.13 1.12 -0.36
C4' DNR D 4 7.27 -0.16 -0.14
O4' DNR D 4 5.96 0.22 0.36
C1' DNR D 4 4.92 0.02 -0.61
N1 DNR D 4 3.98 1.17 -0.67
C6 DNR D 4 4.18 2.23 -1.59
C2 DNR D 4 2.75 1.08 -0.01
O2 DNR D 4 2.50 0.22 0.83
N3 DNR D 4 1.73 2.00 -0.36
C4 DNR D 4 1.89 2.94 -1.29
N4 DNR D 4 0.85 3.75 -1.59
C5 DNR D 4 3.14 3.15 -1.96
C2' DNR D 4 5.62 -0.41 -1.92
C3' DNR D 4 6.97 -0.95 -1.44
O3' DNR D 4 6.77 -2.34 -1.14
H5' DNR D 4 8.91 0.93 -1.10
H5'' DNR D 4 8.61 1.41 0.58
H4' DNR D 4 7.77 -0.82 0.58
H1' DNR D 4 4.39 -0.87 -0.26
H6 DNR D 4 5.19 2.35 -1.98
HN3 DNR D 4 0.79 2.00 0.06
H41 DNR D 4 -0.04 3.62 -1.12
H42 DNR D 4 0.96 4.50 -2.27
H5 DNR D 4 3.31 3.95 -2.68
H2' DNR D 4 5.81 0.42 -2.60
H2'' DNR D 4 5.06 -1.17 -2.45
H3' DNR D 4 7.73 -0.81 -2.22
N1 5CM D 5 2.51 -3.98 -4.09
C2 5CM D 5 1.19 -3.90 -3.64
N3 5CM D 5 0.30 -2.99 -4.26
C4 5CM D 5 0.71 -2.23 -5.26
C5 5CM D 5 2.06 -2.25 -5.81
C5A 5CM D 5 2.52 -1.35 -6.94
C6 5CM D 5 2.95 -3.17 -5.17
O2 5CM D 5 0.77 -4.57 -2.71
N4 5CM D 5 -0.22 -1.39 -5.74
C1' 5CM D 5 3.48 -4.85 -3.39
C2' 5CM D 5 3.87 -6.14 -4.11
C3' 5CM D 5 5.18 -6.52 -3.42
C4' 5CM D 5 5.75 -5.18 -2.88
O4' 5CM D 5 4.74 -4.19 -3.24
O3' 5CM D 5 4.89 -7.41 -2.33
C5' 5CM D 5 7.11 -4.80 -3.52
O5' 5CM D 5 7.64 -3.55 -3.03
P 5CM D 5 8.02 -3.36 -1.44
OP1 5CM D 5 7.91 -4.65 -0.69
OP2 5CM D 5 9.33 -2.65 -1.27
H5A1 5CM D 5 2.35 -0.29 -6.70
H5A2 5CM D 5 1.96 -1.57 -7.85
H5A3 5CM D 5 3.59 -1.49 -7.16
H6 5CM D 5 4.00 -3.29 -5.45
HN41 5CM D 5 -1.09 -1.38 -5.28
HN42 5CM D 5 0.02 -0.63 -6.33
H1' 5CM D 5 3.12 -5.11 -2.39
H2' 5CM D 5 4.05 -5.96 -5.18
H2'' 5CM D 5 3.11 -6.92 -4.01
H3' 5CM D 5 5.87 -7.01 -4.12
H4' 5CM D 5 5.82 -5.21 -1.79
HO3' 5CM D 5 5.71 -7.60 -1.85
H5' 5CM D 5 7.84 -5.59 -3.32
H5'' 5CM D 5 7.01 -4.72 -4.61
P DNR A 3 -1.79 -12.40 0.21
OP1 DNR A 3 -1.27 -13.27 1.33
OP2 DNR A 3 -3.08 -11.69 0.53
O5' DNR A 3 -0.67 -11.35 -0.33
C5' DNR A 3 0.72 -11.74 -0.42
C4' DNR A 3 1.52 -10.56 -1.03
O4' DNR A 3 1.10 -10.29 -2.40
C1' DNR A 3 1.15 -8.86 -2.70
N1 DNR A 3 -0.19 -8.40 -3.16
C6 DNR A 3 -1.34 -8.76 -2.44
C2 DNR A 3 -0.29 -7.49 -4.21
O2 DNR A 3 0.66 -7.14 -4.88
N3 DNR A 3 -1.58 -6.94 -4.49
C4 DNR A 3 -2.67 -7.25 -3.79
N4 DNR A 3 -3.84 -6.67 -4.08
C5 DNR A 3 -2.64 -8.21 -2.71
C2' DNR A 3 1.61 -8.18 -1.39
C3' DNR A 3 1.35 -9.22 -0.29
O3' DNR A 3 2.31 -9.12 0.76
H5' DNR A 3 1.10 -11.98 0.58
H5'' DNR A 3 0.81 -12.63 -1.05
H4' DNR A 3 2.58 -10.81 -1.05
H1' DNR A 3 1.90 -8.71 -3.48
H6 DNR A 3 -1.20 -9.49 -1.65
HN3 DNR A 3 -1.74 -6.24 -5.23
H41 DNR A 3 -3.90 -5.99 -4.83
H42 DNR A 3 -4.68 -6.92 -3.56
H5 DNR A 3 -3.53 -8.49 -2.16
H2' DNR A 3 1.09 -7.24 -1.19
H2'' DNR A 3 2.69 -7.96 -1.44
H3' DNR A 3 0.33 -9.13 0.09
C2 U48 A 5 3.07 2.29 3.35
O2 U48 A 5 3.58 2.80 2.37
C4 U48 A 5 1.17 2.26 4.89
C5 U48 A 5 1.74 1.22 5.72
C6 U48 A 5 3.02 0.75 5.25
OP1 U48 A 5 7.84 -4.34 4.19
P U48 A 5 6.37 -4.58 3.91
OP2 U48 A 5 5.96 -5.99 4.18
O5' U48 A 5 5.45 -3.49 4.71
C5' U48 A 5 6.04 -2.26 5.19
C4' U48 A 5 6.27 -1.25 4.02
O4' U48 A 5 4.98 -0.70 3.67
C3' U48 A 5 7.14 -0.05 4.44
O3' U48 A 5 8.01 0.35 3.37
C2' U48 A 5 6.12 1.06 4.71
C1' U48 A 5 4.99 0.74 3.72
N1 U48 A 5 3.66 1.26 4.09
C5M U48 A 5 1.06 0.67 6.96
N4 U48 A 5 -0.07 2.77 5.13
N3 U48 A 5 1.83 2.74 3.80
H6 U48 A 5 3.56 -0.06 5.76
H5' U48 A 5 5.38 -1.82 5.94
H5'' U48 A 5 6.99 -2.49 5.70
H4' U48 A 5 6.72 -1.75 3.16
H3' U48 A 5 7.74 -0.26 5.35
H3T U48 A 5 8.72 0.90 3.75
H2' U48 A 5 5.77 1.01 5.74
H2'' U48 A 5 6.54 2.07 4.54
H1' U48 A 5 5.29 1.09 2.73
H53 U48 A 5 0.08 0.26 6.72
H51 U48 A 5 0.93 1.46 7.70
H52 U48 A 5 1.66 -0.13 7.42
H41 U48 A 5 -0.47 3.50 4.57
H42 U48 A 5 -0.62 2.44 5.90
H3 U48 A 5 1.43 3.51 3.26
P DNR B 4 -7.28 0.40 -7.16
OP1 DNR B 4 -8.39 0.05 -5.84
OP2 DNR B 4 -7.52 1.49 -8.19
O5' DNR B 4 -6.16 0.86 -6.09
C5' DNR B 4 -5.99 2.25 -5.77
C4' DNR B 4 -5.52 2.28 -4.31
O4' DNR B 4 -4.22 1.68 -4.20
C1' DNR B 4 -3.57 2.16 -3.03
N1 DNR B 4 -2.16 1.76 -3.11
C6 DNR B 4 -1.31 2.32 -4.10
C2 DNR B 4 -1.68 0.70 -2.34
O2 DNR B 4 -2.37 0.13 -1.50
N3 DNR B 4 -0.33 0.29 -2.52
C4 DNR B 4 0.49 0.85 -3.41
N4 DNR B 4 1.76 0.41 -3.48
C5 DNR B 4 0.05 1.92 -4.28
C2' DNR B 4 -3.95 3.66 -3.04
C3' DNR B 4 -5.35 3.68 -3.68
O3' DNR B 4 -6.34 3.79 -2.64
H5' DNR B 4 -6.94 2.80 -5.87
H5'' DNR B 4 -5.25 2.70 -6.46
H4' DNR B 4 -6.23 1.70 -3.70
H1' DNR B 4 -4.07 1.70 -2.16
H6 DNR B 4 -1.77 3.07 -4.74
HN3 DNR B 4 0.10 -0.48 -1.99
H41 DNR B 4 2.07 -0.34 -2.89
H42 DNR B 4 2.40 0.81 -4.16
H5 DNR B 4 0.71 2.36 -5.03
H2' DNR B 4 -3.27 4.27 -3.64
H2'' DNR B 4 -3.94 4.08 -2.02
H3' DNR B 4 -5.45 4.48 -4.43
N1 5CM B 5 -1.03 5.93 1.43
C2 5CM B 5 -0.33 5.09 2.29
N3 5CM B 5 1.05 4.85 2.05
C4 5CM B 5 1.67 5.47 1.05
C5 5CM B 5 1.02 6.35 0.10
C5A 5CM B 5 1.74 7.01 -1.06
C6 5CM B 5 -0.38 6.55 0.34
O2 5CM B 5 -0.84 4.55 3.26
N4 5CM B 5 2.95 5.10 0.90
C1' 5CM B 5 -2.45 6.25 1.71
C2' 5CM B 5 -2.75 7.74 1.97
C3' 5CM B 5 -4.11 8.00 1.31
C4' 5CM B 5 -4.51 6.63 0.72
O4' 5CM B 5 -3.26 5.94 0.57
O3' 5CM B 5 -5.07 8.42 2.28
C5' 5CM B 5 -5.25 6.69 -0.62
O5' 5CM B 5 -5.88 5.42 -0.84
P 5CM B 5 -6.84 5.28 -2.15
OP1 5CM B 5 -8.28 5.29 -1.73
OP2 5CM B 5 -6.51 6.35 -3.15
H5A1 5CM B 5 1.04 7.60 -1.68
H5A2 5CM B 5 2.23 6.27 -1.71
H5A3 5CM B 5 2.52 7.69 -0.69
H6 5CM B 5 -1.01 7.17 -0.30
HN41 5CM B 5 3.31 4.42 1.54
HN42 5CM B 5 3.45 5.26 0.05
H1' 5CM B 5 -2.84 5.65 2.55
H2' 5CM B 5 -1.98 8.40 1.57
H2'' 5CM B 5 -2.81 7.92 3.05
H3' 5CM B 5 -4.01 8.75 0.51
H4' 5CM B 5 -5.14 6.11 1.46
HO3' 5CM B 5 -4.84 9.33 2.55
H5' 5CM B 5 -6.02 7.47 -0.59
H5'' 5CM B 5 -4.55 6.93 -1.45
P DNR C 3 -5.26 6.30 11.79
OP1 DNR C 3 -6.31 6.92 12.66
OP2 DNR C 3 -5.29 4.80 11.86
O5' DNR C 3 -5.36 6.86 10.25
C5' DNR C 3 -5.29 5.94 9.15
C4' DNR C 3 -5.16 6.74 7.82
O4' DNR C 3 -3.95 7.54 7.78
C1' DNR C 3 -3.39 7.62 6.44
N1 DNR C 3 -1.99 7.09 6.43
C6 DNR C 3 -1.66 5.98 7.23
C2 DNR C 3 -1.04 7.61 5.54
O2 DNR C 3 -1.28 8.56 4.83
N3 DNR C 3 0.24 6.97 5.49
C4 DNR C 3 0.55 5.94 6.26
N4 DNR C 3 1.78 5.40 6.19
C5 DNR C 3 -0.36 5.37 7.21
C2' DNR C 3 -4.36 6.81 5.56
C3' DNR C 3 -5.05 5.87 6.55
O3' DNR C 3 -6.34 5.52 6.05
H5' DNR C 3 -6.19 5.32 9.14
H5'' DNR C 3 -4.43 5.26 9.28
H4' DNR C 3 -6.03 7.41 7.73
H1' DNR C 3 -3.40 8.68 6.14
H6 DNR C 3 -2.45 5.62 7.89
HN3 DNR C 3 1.00 7.24 4.86
H41 DNR C 3 2.46 5.77 5.54
H42 DNR C 3 2.03 4.62 6.79
H5 DNR C 3 -0.08 4.54 7.84
H2' DNR C 3 -3.86 6.26 4.76
H2'' DNR C 3 -5.11 7.49 5.11
H3' DNR C 3 -4.40 5.00 6.72
C2 U48 C 5 -3.35 -2.40 -3.48
O2 U48 C 5 -3.07 -1.57 -4.32
C4 U48 C 5 -2.55 -4.26 -2.09
C5 U48 C 5 -3.81 -4.39 -1.40
C6 U48 C 5 -4.82 -3.46 -1.83
OP1 U48 C 5 -10.20 0.56 1.11
P U48 C 5 -8.76 0.44 1.52
OP2 U48 C 5 -8.61 -0.01 2.94
O5' U48 C 5 -7.89 -0.52 0.52
C5' U48 C 5 -8.41 -0.96 -0.76
C4' U48 C 5 -7.51 -0.46 -1.91
O4' U48 C 5 -6.17 -1.02 -1.75
C3' U48 C 5 -8.00 -0.91 -3.31
O3' U48 C 5 -8.31 0.26 -4.03
C2' U48 C 5 -6.83 -1.74 -3.88
C1' U48 C 5 -5.60 -1.39 -3.02
N1 U48 C 5 -4.59 -2.47 -2.82
C5M U48 C 5 -4.05 -5.41 -0.30
N4 U48 C 5 -1.47 -5.03 -1.78
N3 U48 C 5 -2.39 -3.33 -3.10
H6 U48 C 5 -5.82 -3.45 -1.39
H5' U48 C 5 -8.46 -2.05 -0.74
H5'' U48 C 5 -9.43 -0.59 -0.92
H4' U48 C 5 -7.46 0.63 -1.86
H3' U48 C 5 -8.89 -1.55 -3.24
H3T U48 C 5 -9.78 0.54 -4.31
H2' U48 C 5 -7.05 -2.81 -3.80
H2'' U48 C 5 -6.64 -1.52 -4.95
H1' U48 C 5 -5.13 -0.50 -3.45
H53 U48 C 5 -3.35 -5.25 0.54
H51 U48 C 5 -3.89 -6.42 -0.68
H52 U48 C 5 -5.07 -5.34 0.10
H41 U48 C 5 -0.60 -4.95 -2.26
H42 U48 C 5 -1.53 -5.71 -1.05
H3 U48 C 5 -1.48 -3.25 -3.57
P DNR D 4 7.76 3.50 -1.36
OP1 DNR D 4 8.83 3.16 -2.34
OP2 DNR D 4 6.63 4.34 -1.90
O5' DNR D 4 7.05 2.15 -0.77
C5' DNR D 4 7.84 1.10 -0.21
C4' DNR D 4 6.96 -0.17 -0.12
O4' DNR D 4 5.67 0.22 0.42
C1' DNR D 4 4.62 0.10 -0.56
N1 DNR D 4 3.66 1.24 -0.52
C6 DNR D 4 3.81 2.37 -1.35
C2 DNR D 4 2.43 1.04 0.14
O2 DNR D 4 2.23 0.14 0.93
N3 DNR D 4 1.37 1.92 -0.19
C4 DNR D 4 1.48 2.92 -1.06
N4 DNR D 4 0.38 3.66 -1.34
C5 DNR D 4 2.72 3.23 -1.72
C2' DNR D 4 5.31 -0.20 -1.92
C3' DNR D 4 6.66 -0.77 -1.52
O3' DNR D 4 6.53 -2.19 -1.42
H5' DNR D 4 8.73 0.90 -0.82
H5'' DNR D 4 8.19 1.40 0.79
H4' DNR D 4 7.44 -0.91 0.52
H1' DNR D 4 4.09 -0.81 -0.31
H6 DNR D 4 4.82 2.55 -1.73
HN3 DNR D 4 0.43 1.85 0.24
H41 DNR D 4 -0.50 3.44 -0.89
H42 DNR D 4 0.44 4.43 -2.00
H5 DNR D 4 2.83 4.06 -2.40
H2' DNR D 4 5.48 0.69 -2.52
H2'' DNR D 4 4.74 -0.91 -2.53
H3' DNR D 4 7.42 -0.50 -2.27
N1 5CM D 5 2.38 -3.49 -4.46
C2 5CM D 5 1.07 -3.60 -3.97
N3 5CM D 5 0.06 -2.74 -4.46
C4 5CM D 5 0.35 -1.87 -5.42
C5 5CM D 5 1.67 -1.67 -6.00
C5A 5CM D 5 1.98 -0.66 -7.08
C6 5CM D 5 2.68 -2.54 -5.46
O2 5CM D 5 0.77 -4.41 -3.10
N4 5CM D 5 -0.69 -1.09 -5.77
C1' 5CM D 5 3.44 -4.39 -3.94
C2' 5CM D 5 3.83 -5.55 -4.88
C3' 5CM D 5 5.20 -5.97 -4.35
C4' 5CM D 5 5.72 -4.73 -3.57
O4' 5CM D 5 4.69 -3.71 -3.78
O3' 5CM D 5 5.06 -7.08 -3.46
C5' 5CM D 5 7.10 -4.23 -4.08
O5' 5CM D 5 7.57 -3.06 -3.38
P 5CM D 5 7.85 -3.08 -1.76
OP1 5CM D 5 7.78 -4.48 -1.21
OP2 5CM D 5 9.09 -2.33 -1.40
H5A1 5CM D 5 1.72 0.35 -6.76
H5A2 5CM D 5 1.41 -0.88 -7.99
H5A3 5CM D 5 3.05 -0.67 -7.34
H6 5CM D 5 3.72 -2.53 -5.78
HN41 5CM D 5 -1.54 -1.21 -5.28
HN42 5CM D 5 -0.56 -0.25 -6.29
H1' 5CM D 5 3.16 -4.80 -2.96
H2' 5CM D 5 3.90 -5.21 -5.91
H2'' 5CM D 5 3.10 -6.37 -4.83
H3' 5CM D 5 5.87 -6.23 -5.18
H4' 5CM D 5 5.76 -4.97 -2.51
HO3' 5CM D 5 5.14 -7.90 -3.99
H5' 5CM D 5 7.84 -5.02 -3.96
H5'' 5CM D 5 7.04 -3.98 -5.15
P DNR A 3 -2.10 -12.45 -1.20
OP1 DNR A 3 -1.79 -13.65 -0.35
OP2 DNR A 3 -3.26 -11.63 -0.74
O5' DNR A 3 -0.80 -11.49 -1.42
C5' DNR A 3 0.51 -12.06 -1.55
C4' DNR A 3 1.50 -10.92 -1.88
O4' DNR A 3 1.09 -10.26 -3.09
C1' DNR A 3 1.12 -8.82 -2.99
N1 DNR A 3 -0.16 -8.27 -3.48
C6 DNR A 3 -1.37 -8.55 -2.79
C2 DNR A 3 -0.20 -7.42 -4.59
O2 DNR A 3 0.81 -7.16 -5.25
N3 DNR A 3 -1.43 -6.82 -4.95
C4 DNR A 3 -2.57 -7.06 -4.28
N4 DNR A 3 -3.70 -6.41 -4.64
C5 DNR A 3 -2.63 -7.97 -3.17
C2' DNR A 3 1.47 -8.50 -1.51
C3' DNR A 3 1.59 -9.84 -0.78
O3' DNR A 3 2.90 -9.93 -0.16
H5' DNR A 3 0.79 -12.57 -0.62
H5'' DNR A 3 0.51 -12.82 -2.36
H4' DNR A 3 2.50 -11.35 -2.05
H1' DNR A 3 1.97 -8.48 -3.61
H6 DNR A 3 -1.27 -9.23 -1.95
HN3 DNR A 3 -1.57 -6.17 -5.74
H41 DNR A 3 -3.69 -5.77 -5.42
H42 DNR A 3 -4.56 -6.57 -4.13
H5 DNR A 3 -3.56 -8.17 -2.64
H2' DNR A 3 0.71 -7.87 -1.03
H2'' DNR A 3 2.42 -7.94 -1.47
H3' DNR A 3 0.79 -9.97 -0.04
C2 U48 A 5 3.20 1.87 3.66
O2 U48 A 5 3.87 2.22 2.72
C4 U48 A 5 1.09 2.13 4.90
C5 U48 A 5 1.41 1.08 5.83
C6 U48 A 5 2.69 0.47 5.61
OP1 U48 A 5 7.14 -4.00 4.52
P U48 A 5 6.27 -5.16 4.15
OP2 U48 A 5 6.54 -6.62 4.41
O5' U48 A 5 4.79 -4.75 4.75
C5' U48 A 5 4.69 -3.54 5.52
C4' U48 A 5 5.16 -2.33 4.68
O4' U48 A 5 4.11 -1.44 4.36
C3' U48 A 5 6.24 -1.51 5.40
O3' U48 A 5 7.52 -1.95 4.96
C2' U48 A 5 5.91 -0.05 5.05
C1' U48 A 5 4.63 -0.11 4.17
N1 U48 A 5 3.54 0.82 4.53
C5M U48 A 5 0.47 0.61 6.93
N4 U48 A 5 -0.09 2.80 4.96
N3 U48 A 5 1.97 2.49 3.91
H6 U48 A 5 3.04 -0.36 6.23
H5' U48 A 5 3.65 -3.39 5.86
H5'' U48 A 5 5.31 -3.67 6.42
H4' U48 A 5 5.58 -2.63 3.70
H3' U48 A 5 6.18 -1.63 6.49
H3T U48 A 5 8.28 -1.48 5.45
H2' U48 A 5 5.72 0.51 5.96
H2'' U48 A 5 6.74 0.45 4.52
H1' U48 A 5 4.92 -0.01 3.10
H53 U48 A 5 -0.50 0.33 6.50
H51 U48 A 5 0.29 1.40 7.66
H52 U48 A 5 0.87 -0.27 7.45
H41 U48 A 5 -0.32 3.53 4.32
H42 U48 A 5 -0.76 2.58 5.65
H3 U48 A 5 1.71 3.21 3.24
P DNR B 4 -5.89 2.69 -7.54
OP1 DNR B 4 -7.04 2.59 -8.49
OP2 DNR B 4 -4.80 3.60 -8.03
O5' DNR B 4 -6.33 2.99 -6.00
C5' DNR B 4 -5.41 3.70 -5.14
C4' DNR B 4 -5.37 2.99 -3.77
O4' DNR B 4 -4.59 1.77 -3.88
C1' DNR B 4 -3.71 1.61 -2.75
N1 DNR B 4 -2.51 0.82 -3.09
C6 DNR B 4 -1.84 1.08 -4.31
C2 DNR B 4 -1.92 0.01 -2.13
O2 DNR B 4 -2.46 -0.25 -1.06
N3 DNR B 4 -0.64 -0.51 -2.41
C4 DNR B 4 0.03 -0.26 -3.53
N4 DNR B 4 1.28 -0.76 -3.65
C5 DNR B 4 -0.52 0.55 -4.58
C2' DNR B 4 -3.39 3.05 -2.35
C3' DNR B 4 -4.65 3.83 -2.68
O3' DNR B 4 -5.47 3.85 -1.50
H5' DNR B 4 -5.76 4.73 -5.04
H5'' DNR B 4 -4.39 3.73 -5.56
H4' DNR B 4 -6.39 2.75 -3.45
H1' DNR B 4 -4.30 1.13 -1.95
H6 DNR B 4 -2.38 1.70 -5.02
HN3 DNR B 4 -0.13 -1.14 -1.77
H41 DNR B 4 1.67 -1.33 -2.93
H42 DNR B 4 1.82 -0.57 -4.49
H5 DNR B 4 0.01 0.77 -5.51
H2' DNR B 4 -2.54 3.45 -2.93
H2'' DNR B 4 -3.12 3.14 -1.30
H3' DNR B 4 -4.39 4.84 -3.02
N1 5CM B 5 -0.16 5.86 1.07
C2 5CM B 5 0.30 4.87 1.94
N3 5CM B 5 1.54 4.22 1.68
C4 5CM B 5 2.27 4.56 0.63
C5 5CM B 5 1.85 5.54 -0.36
C5A 5CM B 5 2.66 5.88 -1.61
C6 5CM B 5 0.59 6.16 -0.09
O2 5CM B 5 -0.29 4.53 2.94
N4 5CM B 5 3.41 3.87 0.49
C1' 5CM B 5 -1.38 6.61 1.44
C2' 5CM B 5 -1.52 8.09 1.03
C3' 5CM B 5 -3.03 8.33 1.14
C4' 5CM B 5 -3.66 6.93 0.95
O4' 5CM B 5 -2.54 6.01 0.85
O3' 5CM B 5 -3.34 8.85 2.43
C5' 5CM B 5 -4.55 6.77 -0.30
O5' 5CM B 5 -5.50 5.73 -0.03
P 5CM B 5 -6.42 5.15 -1.24
OP1 5CM B 5 -7.79 4.76 -0.77
OP2 5CM B 5 -6.43 6.07 -2.42
H5A1 5CM B 5 2.09 6.51 -2.30
H5A2 5CM B 5 2.96 4.96 -2.14
H5A3 5CM B 5 3.59 6.41 -1.33
H6 5CM B 5 0.15 6.87 -0.79
HN41 5CM B 5 3.59 3.14 1.16
HN42 5CM B 5 3.92 3.85 -0.36
H1' 5CM B 5 -1.52 6.57 2.54
H2' 5CM B 5 -1.21 8.27 -0.01
H2'' 5CM B 5 -0.93 8.76 1.68
H3' 5CM B 5 -3.37 9.04 0.36
H4' 5CM B 5 -4.25 6.68 1.85
HO3' 5CM B 5 -2.90 9.70 2.54
H5' 5CM B 5 -5.09 7.70 -0.53
H5'' 5CM B 5 -3.93 6.51 -1.17
P DNR C 3 -5.26 6.76 12.08
OP1 DNR C 3 -6.47 7.41 12.65
OP2 DNR C 3 -5.20 5.29 12.39
O5' DNR C 3 -5.11 7.07 10.48
C5' DNR C 3 -5.11 5.97 9.54
C4' DNR C 3 -4.61 6.46 8.16
O4' DNR C 3 -3.22 6.86 8.18
C1' DNR C 3 -2.59 6.68 6.88
N1 DNR C 3 -1.26 6.02 7.02
C6 DNR C 3 -1.01 5.13 8.10
C2 DNR C 3 -0.27 6.25 6.08
O2 DNR C 3 -0.43 6.96 5.10
N3 DNR C 3 1.00 5.63 6.27
C4 DNR C 3 1.27 4.83 7.31
N4 DNR C 3 2.49 4.27 7.42
C5 DNR C 3 0.28 4.51 8.30
C2' DNR C 3 -3.61 5.86 6.06
C3' DNR C 3 -4.61 5.35 7.10
O3' DNR C 3 -5.92 5.25 6.52
H5' DNR C 3 -6.14 5.57 9.46
H5'' DNR C 3 -4.49 5.14 9.90
H4' DNR C 3 -5.22 7.30 7.82
H1' DNR C 3 -2.48 7.67 6.42
H6 DNR C 3 -1.85 4.97 8.78
HN3 DNR C 3 1.79 5.75 5.63
H41 DNR C 3 3.20 4.48 6.72
H42 DNR C 3 2.70 3.65 8.18
H5 DNR C 3 0.48 3.85 9.14
H2' DNR C 3 -3.14 5.02 5.52
H2'' DNR C 3 -4.10 6.50 5.33
H3' DNR C 3 -4.26 4.41 7.54
C2 U48 C 5 -3.13 -2.90 -3.40
O2 U48 C 5 -2.75 -2.13 -4.26
C4 U48 C 5 -2.54 -4.70 -1.85
C5 U48 C 5 -3.84 -4.71 -1.23
C6 U48 C 5 -4.77 -3.76 -1.78
OP1 U48 C 5 -9.48 0.61 1.33
P U48 C 5 -8.01 0.41 1.58
OP2 U48 C 5 -7.75 -0.44 2.79
O5' U48 C 5 -7.23 -0.20 0.29
C5' U48 C 5 -7.95 -0.59 -0.89
C4' U48 C 5 -7.02 -0.42 -2.11
O4' U48 C 5 -5.78 -1.14 -1.90
C3' U48 C 5 -7.60 -0.96 -3.44
O3' U48 C 5 -7.60 0.09 -4.40
C2' U48 C 5 -6.62 -2.07 -3.87
C1' U48 C 5 -5.32 -1.74 -3.13
N1 U48 C 5 -4.41 -2.86 -2.82
C5M U48 C 5 -4.20 -5.62 -0.06
N4 U48 C 5 -1.51 -5.49 -1.41
N3 U48 C 5 -2.26 -3.84 -2.88
H6 U48 C 5 -5.77 -3.63 -1.39
H5' U48 C 5 -8.29 -1.62 -0.78
H5'' U48 C 5 -8.83 0.05 -1.03
H4' U48 C 5 -6.78 0.66 -2.21
H3' U48 C 5 -8.62 -1.36 -3.31
H3T U48 C 5 -7.98 -0.23 -5.25
H2' U48 C 5 -7.00 -3.06 -3.56
H2'' U48 C 5 -6.47 -2.10 -4.96
H1' U48 C 5 -4.81 -0.95 -3.71
H53 U48 C 5 -4.12 -6.67 -0.35
H51 U48 C 5 -5.23 -5.44 0.28
H52 U48 C 5 -3.53 -5.43 0.78
H41 U48 C 5 -0.62 -5.49 -1.85
H42 U48 C 5 -1.64 -6.12 -0.65
H3 U48 C 5 -1.35 -3.89 -3.33
P DNR D 4 9.58 1.48 2.24
OP1 DNR D 4 10.20 0.64 3.30
OP2 DNR D 4 10.61 2.18 1.40
O5' DNR D 4 8.50 0.66 1.32
C5' DNR D 4 8.07 -0.63 1.77
C4' DNR D 4 7.19 -1.33 0.70
O4' DNR D 4 5.86 -0.74 0.69
C1' DNR D 4 5.39 -0.60 -0.67
N1 DNR D 4 4.24 0.34 -0.80
C6 DNR D 4 4.15 1.18 -1.94
C2 DNR D 4 3.11 0.21 0.03
O2 DNR D 4 3.05 -0.55 0.99
N3 DNR D 4 1.97 0.99 -0.28
C4 DNR D 4 1.89 1.79 -1.33
N4 DNR D 4 0.75 2.47 -1.57
C5 DNR D 4 2.98 1.94 -2.26
C2' DNR D 4 6.71 -0.24 -1.39
C3' DNR D 4 7.73 -1.17 -0.74
O3' DNR D 4 7.70 -2.46 -1.40
H5' DNR D 4 8.96 -1.25 1.96
H5'' DNR D 4 7.53 -0.54 2.71
H4' DNR D 4 7.11 -2.39 0.95
H1' DNR D 4 5.09 -1.59 -1.02
H6 DNR D 4 5.04 1.24 -2.58
HN3 DNR D 4 1.11 0.99 0.30
H41 DNR D 4 -0.04 2.38 -0.93
H42 DNR D 4 0.68 3.07 -2.37
H5 DNR D 4 2.91 2.58 -3.13
H2' DNR D 4 6.99 0.81 -1.18
H2'' DNR D 4 6.65 -0.37 -2.48
H3' DNR D 4 8.76 -0.76 -0.76
N1 5CM D 5 2.49 -4.60 -4.18
C2 5CM D 5 1.19 -4.62 -3.65
N3 5CM D 5 0.15 -3.94 -4.34
C4 5CM D 5 0.39 -3.36 -5.52
C5 5CM D 5 1.70 -3.29 -6.14
C5A 5CM D 5 1.96 -2.57 -7.45
C6 5CM D 5 2.74 -3.93 -5.40
O2 5CM D 5 0.90 -5.18 -2.61
N4 5CM D 5 -0.67 -2.74 -6.05
C1' 5CM D 5 3.61 -5.28 -3.48
C2' 5CM D 5 4.38 -6.34 -4.28
C3' 5CM D 5 5.79 -6.27 -3.70
C4' 5CM D 5 5.95 -4.80 -3.26
O4' 5CM D 5 4.59 -4.30 -3.10
O3' 5CM D 5 5.87 -7.12 -2.55
C5' 5CM D 5 6.65 -3.93 -4.33
O5' 5CM D 5 7.06 -2.66 -3.77
P 5CM D 5 8.42 -2.60 -2.86
OP1 5CM D 5 9.19 -3.89 -2.95
OP2 5CM D 5 9.21 -1.38 -3.23
H5A1 5CM D 5 3.02 -2.66 -7.74
H5A2 5CM D 5 1.72 -1.51 -7.38
H5A3 5CM D 5 1.35 -3.01 -8.25
H6 5CM D 5 3.78 -3.93 -5.73
HN41 5CM D 5 -1.52 -2.75 -5.54
HN42 5CM D 5 -0.57 -2.06 -6.78
H1' 5CM D 5 3.26 -5.76 -2.55
H2' 5CM D 5 4.41 -6.11 -5.35
H2'' 5CM D 5 3.94 -7.34 -4.17
H3' 5CM D 5 6.55 -6.57 -4.43
H4' 5CM D 5 6.49 -4.75 -2.31
HO3' 5CM D 5 6.09 -8.02 -2.85
H5' 5CM D 5 7.52 -4.44 -4.75
H5'' 5CM D 5 5.97 -3.73 -5.17
P DNR A 3 -1.35 -12.66 -0.73
OP1 DNR A 3 -0.99 -13.67 0.32
OP2 DNR A 3 -2.76 -12.17 -0.47
O5' DNR A 3 -0.29 -11.43 -0.86
C5' DNR A 3 1.12 -11.73 -0.84
C4' DNR A 3 1.91 -10.46 -1.27
O4' DNR A 3 1.45 -10.01 -2.57
C1' DNR A 3 1.42 -8.58 -2.68
N1 DNR A 3 0.08 -8.13 -3.18
C6 DNR A 3 -1.08 -8.49 -2.47
C2 DNR A 3 -0.03 -7.28 -4.27
O2 DNR A 3 0.94 -6.94 -4.94
N3 DNR A 3 -1.31 -6.79 -4.61
C4 DNR A 3 -2.41 -7.11 -3.94
N4 DNR A 3 -3.59 -6.59 -4.31
C5 DNR A 3 -2.39 -8.00 -2.82
C2' DNR A 3 1.77 -8.03 -1.28
C3' DNR A 3 1.77 -9.24 -0.32
O3' DNR A 3 2.92 -9.13 0.55
H5' DNR A 3 1.43 -12.06 0.15
H5'' DNR A 3 1.35 -12.54 -1.55
H4' DNR A 3 2.98 -10.71 -1.36
H1' DNR A 3 2.21 -8.29 -3.38
H6 DNR A 3 -0.92 -9.17 -1.63
HN3 DNR A 3 -1.49 -6.15 -5.39
H41 DNR A 3 -3.67 -5.92 -5.10
H42 DNR A 3 -4.37 -7.26 -4.42
H5 DNR A 3 -3.30 -8.27 -2.27
H2' DNR A 3 1.08 -7.26 -0.94
H2'' DNR A 3 2.78 -7.58 -1.30
H3' DNR A 3 0.83 -9.26 0.24
C2 U48 A 5 3.14 2.24 3.37
O2 U48 A 5 3.59 2.91 2.45
C4 U48 A 5 1.24 1.76 4.81
C5 U48 A 5 1.92 0.69 5.51
C6 U48 A 5 3.27 0.47 5.06
OP1 U48 A 5 8.04 -4.82 0.81
P U48 A 5 7.02 -4.52 1.87
OP2 U48 A 5 7.32 -5.37 3.07
O5' U48 A 5 6.90 -2.92 2.16
C5' U48 A 5 6.72 -2.47 3.52
C4' U48 A 5 6.71 -0.93 3.53
O4' U48 A 5 5.40 -0.41 3.20
C3' U48 A 5 6.98 -0.30 4.92
O3' U48 A 5 8.37 -0.19 5.24
C2' U48 A 5 6.30 1.09 4.81
C1' U48 A 5 5.28 0.95 3.65
N1 U48 A 5 3.87 1.23 4.02
C5M U48 A 5 1.29 -0.14 6.61
N4 U48 A 5 -0.06 2.07 5.08
N3 U48 A 5 1.85 2.46 3.80
H6 U48 A 5 3.89 -0.31 5.48
H5' U48 A 5 5.78 -2.86 3.94
H5'' U48 A 5 7.55 -2.84 4.13
H4' U48 A 5 7.45 -0.54 2.82
H3' U48 A 5 6.47 -0.88 5.69
H3T U48 A 5 8.83 0.37 4.56
H2' U48 A 5 5.84 1.37 5.76
H2'' U48 A 5 7.04 1.86 4.56
H1' U48 A 5 5.61 1.60 2.82
H53 U48 A 5 1.99 -0.90 6.99
H51 U48 A 5 0.38 -0.63 6.27
H52 U48 A 5 1.02 0.51 7.47
H41 U48 A 5 -0.62 2.78 4.57
H42 U48 A 5 -0.63 1.61 5.79
H3 U48 A 5 1.34 3.20 3.34
P DNR B 4 -6.23 1.73 -7.76
OP1 DNR B 4 -7.57 1.28 -8.27
OP2 DNR B 4 -5.68 2.76 -8.71
O5' DNR B 4 -6.22 2.24 -6.21
C5' DNR B 4 -5.21 3.19 -5.83
C4' DNR B 4 -5.02 3.17 -4.29
O4' DNR B 4 -4.27 1.99 -3.91
C1' DNR B 4 -3.59 2.19 -2.66
N1 DNR B 4 -2.27 1.52 -2.73
C6 DNR B 4 -1.30 1.98 -3.65
C2 DNR B 4 -1.96 0.45 -1.89
O2 DNR B 4 -2.77 -0.02 -1.10
N3 DNR B 4 -0.65 -0.09 -1.96
C4 DNR B 4 0.27 0.36 -2.79
N4 DNR B 4 1.51 -0.19 -2.75
C5 DNR B 4 0.03 1.42 -3.72
C2' DNR B 4 -3.57 3.73 -2.46
C3' DNR B 4 -4.17 4.33 -3.74
O3' DNR B 4 -5.03 5.46 -3.48
H5' DNR B 4 -5.51 4.20 -6.17
H5'' DNR B 4 -4.24 2.95 -6.31
H4' DNR B 4 -5.99 3.16 -3.80
H1' DNR B 4 -4.22 1.76 -1.87
H6 DNR B 4 -1.62 2.78 -4.32
HN3 DNR B 4 -0.33 -0.87 -1.36
H41 DNR B 4 1.71 -1.05 -2.20
H42 DNR B 4 2.11 -0.23 -3.57
H5 DNR B 4 0.79 1.78 -4.41
H2' DNR B 4 -2.56 4.11 -2.27
H2'' DNR B 4 -4.18 3.98 -1.59
H3' DNR B 4 -3.39 4.59 -4.47
N1 5CM B 5 -1.69 5.47 1.78
C2 5CM B 5 -0.87 4.69 2.60
N3 5CM B 5 0.53 4.63 2.35
C4 5CM B 5 1.05 5.36 1.38
C5 5CM B 5 0.29 6.18 0.45
C5A 5CM B 5 0.90 6.97 -0.70
C6 5CM B 5 -1.13 6.19 0.69
O2 5CM B 5 -1.28 4.05 3.56
N4 5CM B 5 2.38 5.22 1.23
C1' 5CM B 5 -3.11 5.71 2.13
C2' 5CM B 5 -3.41 7.18 2.51
C3' 5CM B 5 -4.33 7.72 1.42
C4' 5CM B 5 -4.94 6.45 0.82
O4' 5CM B 5 -3.95 5.42 1.00
O3' 5CM B 5 -5.32 8.60 1.98
C5' 5CM B 5 -5.35 6.55 -0.67
O5' 5CM B 5 -4.18 6.71 -1.49
P 5CM B 5 -4.36 6.90 -3.11
OP1 5CM B 5 -5.31 8.03 -3.44
OP2 5CM B 5 -3.04 7.14 -3.79
H5A1 5CM B 5 1.62 7.72 -0.30
H5A2 5CM B 5 0.14 7.51 -1.27
H5A3 5CM B 5 1.45 6.32 -1.38
H6 5CM B 5 -1.84 6.73 0.06
HN41 5CM B 5 2.84 4.40 1.63
HN42 5CM B 5 2.84 5.47 0.36
H1' 5CM B 5 -3.42 5.05 2.95
H2' 5CM B 5 -2.50 7.79 2.59
H2'' 5CM B 5 -3.91 7.21 3.48
H3' 5CM B 5 -3.72 8.25 0.65
H4' 5CM B 5 -5.83 6.18 1.41
HO3' 5CM B 5 -5.78 9.07 1.22
H5' 5CM B 5 -5.90 5.65 -0.96
H5'' 5CM B 5 -6.03 7.41 -0.82
P DNR C 3 -5.18 6.97 11.98
OP1 DNR C 3 -6.24 7.89 12.54
OP2 DNR C 3 -5.46 5.59 12.49
O5' DNR C 3 -5.13 7.10 10.35
C5' DNR C 3 -5.14 5.89 9.56
C4' DNR C 3 -4.83 6.21 8.08
O4' DNR C 3 -3.43 6.54 7.90
C1' DNR C 3 -2.98 6.25 6.55
N1 DNR C 3 -1.56 5.85 6.56
C6 DNR C 3 -1.11 4.89 7.50
C2 DNR C 3 -0.65 6.35 5.61
O2 DNR C 3 -0.98 7.18 4.78
N3 DNR C 3 0.68 5.86 5.63
C4 DNR C 3 1.10 4.95 6.52
N4 DNR C 3 2.37 4.49 6.45
C5 DNR C 3 0.24 4.40 7.52
C2' DNR C 3 -3.97 5.17 6.04
C3' DNR C 3 -5.04 5.01 7.14
O3' DNR C 3 -6.37 5.07 6.59
H5' DNR C 3 -6.14 5.43 9.64
H5'' DNR C 3 -4.41 5.17 9.95
H4' DNR C 3 -5.44 7.06 7.73
H1' DNR C 3 -3.14 7.16 5.95
H6 DNR C 3 -1.87 4.54 8.20
HN3 DNR C 3 1.42 6.15 4.99
H41 DNR C 3 3.07 4.90 5.82
H42 DNR C 3 2.88 4.26 7.31
H5 DNR C 3 0.58 3.65 8.24
H2' DNR C 3 -3.47 4.21 5.86
H2'' DNR C 3 -4.42 5.49 5.10
H3' DNR C 3 -4.88 4.07 7.70
C2 U48 C 5 -3.52 -2.18 -3.47
O2 U48 C 5 -3.06 -1.41 -4.30
C4 U48 C 5 -3.11 -4.10 -2.02
C5 U48 C 5 -4.45 -4.10 -1.50
C6 U48 C 5 -5.29 -3.07 -2.04
OP1 U48 C 5 -8.04 3.19 -2.03
P U48 C 5 -8.01 2.51 -0.68
OP2 U48 C 5 -8.85 3.30 0.28
O5' U48 C 5 -8.45 0.93 -0.70
C5' U48 C 5 -8.85 0.25 -1.91
C4' U48 C 5 -7.73 0.11 -2.97
O4' U48 C 5 -6.54 -0.50 -2.42
C3' U48 C 5 -8.12 -0.84 -4.13
O3' U48 C 5 -8.64 -0.13 -5.27
C2' U48 C 5 -6.83 -1.60 -4.49
C1' U48 C 5 -5.77 -1.08 -3.50
N1 U48 C 5 -4.83 -2.12 -2.99
C5M U48 C 5 -4.95 -5.10 -0.48
N4 U48 C 5 -2.16 -4.97 -1.59
N3 U48 C 5 -2.71 -3.17 -2.96
H6 U48 C 5 -6.33 -2.95 -1.73
H5' U48 C 5 -9.21 -0.74 -1.63
H5'' U48 C 5 -9.71 0.78 -2.35
H4' U48 C 5 -7.45 1.09 -3.40
H3' U48 C 5 -8.88 -1.57 -3.79
H3T U48 C 5 -9.56 0.18 -5.05
H2' U48 C 5 -7.00 -2.68 -4.38
H2'' U48 C 5 -6.52 -1.43 -5.52
H1' U48 C 5 -5.21 -0.28 -4.00
H53 U48 C 5 -6.01 -4.92 -0.22
H51 U48 C 5 -4.37 -5.02 0.45
H52 U48 C 5 -4.86 -6.13 -0.85
H41 U48 C 5 -1.17 -4.95 -1.87
H42 U48 C 5 -2.30 -5.63 -0.83
H3 U48 C 5 -1.77 -3.22 -3.33
P DNR D 4 10.20 1.86 1.99
OP1 DNR D 4 10.95 1.26 3.16
OP2 DNR D 4 11.18 2.35 0.96
O5' DNR D 4 9.08 0.83 1.43
C5' DNR D 4 8.75 0.81 0.04
C4' DNR D 4 7.51 -0.10 -0.14
O4' DNR D 4 6.33 0.60 0.29
C1' DNR D 4 5.17 -0.10 -0.21
N1 DNR D 4 4.05 0.85 -0.33
C6 DNR D 4 4.13 1.94 -1.24
C2 DNR D 4 2.85 0.64 0.37
O2 DNR D 4 2.73 -0.25 1.21
N3 DNR D 4 1.77 1.50 0.09
C4 DNR D 4 1.82 2.49 -0.79
N4 DNR D 4 0.70 3.20 -1.03
C5 DNR D 4 3.01 2.81 -1.52
C2' DNR D 4 5.66 -0.74 -1.55
C3' DNR D 4 7.18 -0.52 -1.59
O3' DNR D 4 7.90 -1.74 -1.88
H5' DNR D 4 8.53 1.82 -0.33
H5'' DNR D 4 9.61 0.41 -0.54
H4' DNR D 4 7.65 -1.01 0.47
H1' DNR D 4 4.94 -0.91 0.49
H6 DNR D 4 5.11 2.08 -1.71
HN3 DNR D 4 0.84 1.40 0.55
H41 DNR D 4 -0.15 3.12 -0.44
H42 DNR D 4 0.71 4.12 -1.47
H5 DNR D 4 3.06 3.62 -2.24
H2' DNR D 4 5.18 -0.29 -2.43
H2'' DNR D 4 5.39 -1.80 -1.54
H3' DNR D 4 7.46 0.28 -2.29
N1 5CM D 5 2.20 -3.88 -3.88
C2 5CM D 5 0.84 -3.92 -3.56
N3 5CM D 5 -0.05 -3.03 -4.20
C4 5CM D 5 0.40 -2.19 -5.12
C5 5CM D 5 1.80 -2.03 -5.48
C5A 5CM D 5 2.31 -1.00 -6.47
C6 5CM D 5 2.69 -2.91 -4.78
O2 5CM D 5 0.36 -4.69 -2.74
N4 5CM D 5 -0.54 -1.41 -5.67
C1' 5CM D 5 3.13 -4.91 -3.35
C2' 5CM D 5 4.01 -5.65 -4.38
C3' 5CM D 5 5.19 -6.16 -3.54
C4' 5CM D 5 5.23 -5.20 -2.32
O4' 5CM D 5 4.07 -4.34 -2.44
O3' 5CM D 5 4.94 -7.50 -3.12
C5' 5CM D 5 6.51 -4.35 -2.22
O5' 5CM D 5 6.54 -3.34 -3.26
P 5CM D 5 7.85 -2.37 -3.39
OP1 5CM D 5 9.11 -3.17 -3.68
OP2 5CM D 5 7.67 -1.34 -4.47
H5A1 5CM D 5 2.04 0.01 -6.15
H5A2 5CM D 5 1.87 -1.17 -7.46
H5A3 5CM D 5 3.40 -1.04 -6.57
H6 5CM D 5 3.78 -2.87 -4.89
HN41 5CM D 5 -1.44 -1.35 -5.18
HN42 5CM D 5 -0.30 -0.48 -5.98
H1' 5CM D 5 2.57 -5.68 -2.80
H2' 5CM D 5 4.39 -4.97 -5.15
H2'' 5CM D 5 3.48 -6.46 -4.88
H3' 5CM D 5 6.13 -6.10 -4.12
H4' 5CM D 5 5.13 -5.80 -1.40
HO3' 5CM D 5 5.19 -8.11 -3.88
H5' 5CM D 5 6.53 -3.86 -1.24
H5'' 5CM D 5 7.40 -4.99 -2.28
P DNR A 3 -2.26 -11.37 0.35
OP1 DNR A 3 -1.97 -11.99 1.68
OP2 DNR A 3 -3.42 -10.42 0.35
O5' DNR A 3 -0.96 -10.61 -0.29
C5' DNR A 3 0.33 -11.22 -0.23
C4' DNR A 3 1.35 -10.33 -0.99
O4' DNR A 3 0.89 -10.12 -2.36
C1' DNR A 3 0.91 -8.72 -2.74
N1 DNR A 3 -0.29 -8.37 -3.55
C6 DNR A 3 -1.56 -8.78 -3.07
C2 DNR A 3 -0.22 -7.41 -4.55
O2 DNR A 3 0.83 -7.01 -5.02
N3 DNR A 3 -1.44 -6.86 -5.02
C4 DNR A 3 -2.64 -7.20 -4.54
N4 DNR A 3 -3.74 -6.54 -4.97
C5 DNR A 3 -2.79 -8.22 -3.54
C2' DNR A 3 0.98 -7.94 -1.41
C3' DNR A 3 1.52 -8.92 -0.37
O3' DNR A 3 2.91 -8.62 -0.17
H5' DNR A 3 0.64 -11.35 0.82
H5'' DNR A 3 0.29 -12.22 -0.69
H4' DNR A 3 2.32 -10.84 -1.02
H1' DNR A 3 1.84 -8.55 -3.31
H6 DNR A 3 -1.54 -9.54 -2.30
HN3 DNR A 3 -1.50 -6.12 -5.74
H41 DNR A 3 -3.65 -5.82 -5.68
H42 DNR A 3 -4.64 -6.78 -4.59
H5 DNR A 3 -3.77 -8.53 -3.16
H2' DNR A 3 -0.02 -7.60 -1.10
H2'' DNR A 3 1.62 -7.05 -1.50
H3' DNR A 3 0.97 -8.81 0.58
C2 U48 A 5 3.47 2.77 3.00
O2 U48 A 5 4.02 3.33 2.07
C4 U48 A 5 1.42 2.47 4.30
C5 U48 A 5 2.01 1.47 5.15
C6 U48 A 5 3.39 1.19 4.87
OP1 U48 A 5 8.30 -3.97 0.56
P U48 A 5 7.27 -3.89 1.66
OP2 U48 A 5 7.56 -4.79 2.83
O5' U48 A 5 6.99 -2.35 2.12
C5' U48 A 5 6.80 -2.03 3.51
C4' U48 A 5 6.85 -0.49 3.60
O4' U48 A 5 5.58 0.08 3.20
C3' U48 A 5 7.10 0.14 4.98
O3' U48 A 5 8.46 0.18 5.38
C2' U48 A 5 6.46 1.54 4.84
C1' U48 A 5 5.53 1.45 3.60
N1 U48 A 5 4.11 1.82 3.82
C5M U48 A 5 1.25 0.77 6.27
N4 U48 A 5 0.12 2.86 4.42
N3 U48 A 5 2.16 3.05 3.29
H6 U48 A 5 3.96 0.44 5.42
H5' U48 A 5 5.85 -2.44 3.88
H5'' U48 A 5 7.62 -2.46 4.10
H4' U48 A 5 7.64 -0.16 2.93
H3' U48 A 5 6.54 -0.43 5.74
H3T U48 A 5 8.72 0.60 6.75
H2' U48 A 5 5.93 1.83 5.76
H2'' U48 A 5 7.24 2.30 4.67
H1' U48 A 5 5.99 2.05 2.79
H53 U48 A 5 0.45 0.15 5.87
H51 U48 A 5 0.80 1.51 6.95
H52 U48 A 5 1.92 0.14 6.88
H41 U48 A 5 -0.28 3.55 3.83
H42 U48 A 5 -0.45 2.46 5.13
H3 U48 A 5 1.71 3.76 2.70
P DNR B 4 -6.01 2.21 -7.70
OP1 DNR B 4 -7.26 1.60 -8.24
OP2 DNR B 4 -5.38 3.24 -8.60
O5' DNR B 4 -6.14 2.71 -6.17
C5' DNR B 4 -5.16 3.63 -5.69
C4' DNR B 4 -4.90 3.32 -4.20
O4' DNR B 4 -3.99 2.19 -4.11
C1' DNR B 4 -3.19 2.29 -2.93
N1 DNR B 4 -1.94 1.50 -3.10
C6 DNR B 4 -1.00 1.89 -4.08
C2 DNR B 4 -1.60 0.50 -2.19
O2 DNR B 4 -2.39 0.08 -1.35
N3 DNR B 4 -0.28 -0.02 -2.24
C4 DNR B 4 0.63 0.40 -3.10
N4 DNR B 4 1.88 -0.11 -3.03
C5 DNR B 4 0.34 1.39 -4.11
C2' DNR B 4 -2.99 3.80 -2.74
C3' DNR B 4 -4.20 4.44 -3.41
O3' DNR B 4 -5.06 4.91 -2.37
H5' DNR B 4 -5.52 4.66 -5.83
H5'' DNR B 4 -4.21 3.54 -6.23
H4' DNR B 4 -5.86 3.06 -3.71
H1' DNR B 4 -3.79 1.91 -2.09
H6 DNR B 4 -1.39 2.61 -4.81
HN3 DNR B 4 0.05 -0.76 -1.62
H41 DNR B 4 2.10 -0.81 -2.33
H42 DNR B 4 2.59 0.19 -3.69
H5 DNR B 4 1.08 1.72 -4.84
H2' DNR B 4 -2.08 4.17 -3.23
H2'' DNR B 4 -2.92 4.08 -1.69
H3' DNR B 4 -3.88 5.27 -4.06
N1 5CM B 5 -0.95 6.18 0.95
C2 5CM B 5 -0.28 5.21 1.70
N3 5CM B 5 1.11 5.01 1.50
C4 5CM B 5 1.78 5.79 0.66
C5 5CM B 5 1.18 6.84 -0.15
C5A 5CM B 5 1.96 7.71 -1.11
C6 5CM B 5 -0.23 7.00 0.04
O2 5CM B 5 -0.84 4.50 2.53
N4 5CM B 5 3.07 5.45 0.47
C1' 5CM B 5 -2.41 6.37 1.07
C2' 5CM B 5 -2.86 7.65 1.76
C3' 5CM B 5 -4.29 7.87 1.23
C4' 5CM B 5 -4.31 7.09 -0.11
O4' 5CM B 5 -3.01 6.49 -0.23
O3' 5CM B 5 -5.21 7.31 2.15
C5' 5CM B 5 -4.59 8.02 -1.32
O5' 5CM B 5 -4.77 7.28 -2.54
P 5CM B 5 -6.00 6.21 -2.70
OP1 5CM B 5 -7.04 6.42 -1.62
OP2 5CM B 5 -6.52 6.19 -4.09
H5A1 5CM B 5 2.48 7.09 -1.86
H5A2 5CM B 5 2.72 8.28 -0.58
H5A3 5CM B 5 1.31 8.41 -1.64
H6 5CM B 5 -0.83 7.74 -0.49
HN41 5CM B 5 3.41 4.67 0.98
HN42 5CM B 5 3.59 5.76 -0.31
H1' 5CM B 5 -2.88 5.51 1.58
H2' 5CM B 5 -2.22 8.50 1.47
H2'' 5CM B 5 -2.83 7.57 2.86
H3' 5CM B 5 -4.49 8.94 1.10
H4' 5CM B 5 -5.07 6.29 -0.05
HO3' 5CM B 5 -6.12 7.40 1.78
H5' 5CM B 5 -5.49 8.61 -1.15
H5'' 5CM B 5 -3.76 8.72 -1.46
P DNR C 3 -5.20 6.15 11.51
OP1 DNR C 3 -6.37 6.88 12.09
OP2 DNR C 3 -5.35 4.65 11.61
O5' DNR C 3 -4.92 6.64 9.97
C5' DNR C 3 -4.96 5.68 8.90
C4' DNR C 3 -4.35 6.27 7.60
O4' DNR C 3 -2.94 6.57 7.71
C1' DNR C 3 -2.30 6.54 6.40
N1 DNR C 3 -0.97 5.88 6.49
C6 DNR C 3 -0.73 4.90 7.49
C2 DNR C 3 0.06 6.25 5.62
O2 DNR C 3 -0.11 7.05 4.72
N3 DNR C 3 1.33 5.65 5.81
C4 DNR C 3 1.58 4.76 6.76
N4 DNR C 3 2.83 4.24 6.86
C5 DNR C 3 0.58 4.30 7.67
C2' DNR C 3 -3.32 5.84 5.47
C3' DNR C 3 -4.38 5.29 6.42
O3' DNR C 3 -5.66 5.31 5.81
H5' DNR C 3 -6.01 5.40 8.73
H5'' DNR C 3 -4.43 4.75 9.17
H4' DNR C 3 -4.90 7.19 7.33
H1' DNR C 3 -2.18 7.59 6.07
H6 DNR C 3 -1.58 4.63 8.10
HN3 DNR C 3 2.15 5.89 5.23
H41 DNR C 3 3.56 4.56 6.23
H42 DNR C 3 3.04 3.55 7.56
H5 DNR C 3 0.77 3.58 8.45
H2' DNR C 3 -2.85 5.04 4.88
H2'' DNR C 3 -3.76 6.56 4.78
H3' DNR C 3 -4.08 4.29 6.75
C2 U48 C 5 -3.19 -2.39 -3.45
O2 U48 C 5 -2.75 -1.48 -4.14
C4 U48 C 5 -2.77 -4.52 -2.34
C5 U48 C 5 -4.14 -4.63 -1.86
C6 U48 C 5 -4.97 -3.52 -2.21
OP1 U48 C 5 -9.90 0.80 1.14
P U48 C 5 -8.46 0.51 1.43
OP2 U48 C 5 -8.23 -0.03 2.81
O5' U48 C 5 -7.77 -0.46 0.31
C5' U48 C 5 -8.31 -0.55 -1.02
C4' U48 C 5 -7.22 -0.15 -2.02
O4' U48 C 5 -6.03 -0.96 -1.81
C3' U48 C 5 -7.58 -0.34 -3.52
O3' U48 C 5 -7.58 0.93 -4.17
C2' U48 C 5 -6.47 -1.25 -4.09
C1' U48 C 5 -5.34 -1.19 -3.05
N1 U48 C 5 -4.50 -2.40 -2.94
C5M U48 C 5 -4.62 -5.82 -1.03
N4 U48 C 5 -1.81 -5.42 -2.01
N3 U48 C 5 -2.39 -3.46 -3.12
H6 U48 C 5 -6.01 -3.47 -1.89
H5' U48 C 5 -8.66 -1.58 -1.20
H5'' U48 C 5 -9.18 0.12 -1.15
H4' U48 C 5 -6.96 0.90 -1.85
H3' U48 C 5 -8.56 -0.82 -3.64
H3T U48 C 5 -7.55 0.83 -5.14
H2' U48 C 5 -6.84 -2.28 -4.21
H2'' U48 C 5 -6.13 -0.91 -5.08
H1' U48 C 5 -4.73 -0.30 -3.25
H53 U48 C 5 -4.56 -6.75 -1.61
H51 U48 C 5 -5.68 -5.68 -0.73
H52 U48 C 5 -4.03 -5.94 -0.12
H41 U48 C 5 -0.88 -5.35 -2.35
H42 U48 C 5 -2.02 -6.20 -1.43
H3 U48 C 5 -1.44 -3.42 -3.49
P DNR D 4 9.72 2.16 2.65
OP1 DNR D 4 9.47 1.15 4.15
OP2 DNR D 4 11.02 2.54 1.95
O5' DNR D 4 8.68 1.40 1.64
C5' DNR D 4 8.77 1.31 0.21
C4' DNR D 4 7.63 0.31 -0.11
O4' DNR D 4 6.38 0.91 0.31
C1' DNR D 4 5.29 0.18 -0.23
N1 DNR D 4 4.15 1.11 -0.42
C6 DNR D 4 4.31 2.18 -1.32
C2 DNR D 4 2.92 0.89 0.20
O2 DNR D 4 2.75 0.01 1.04
N3 DNR D 4 1.85 1.73 -0.17
C4 DNR D 4 1.96 2.70 -1.08
N4 DNR D 4 0.85 3.41 -1.40
C5 DNR D 4 3.20 3.01 -1.72
C2' DNR D 4 5.85 -0.44 -1.53
C3' DNR D 4 7.34 -0.06 -1.58
O3' DNR D 4 8.13 -1.19 -1.99
H5' DNR D 4 8.61 2.28 -0.26
H5'' DNR D 4 9.74 0.91 -0.10
H4' DNR D 4 7.80 -0.62 0.45
H1' DNR D 4 5.04 -0.64 0.48
H6 DNR D 4 5.31 2.33 -1.70
HN3 DNR D 4 0.91 1.65 0.24
H41 DNR D 4 -0.03 3.20 -0.95
H42 DNR D 4 0.91 4.15 -2.08
H5 DNR D 4 3.31 3.83 -2.44
H2' DNR D 4 5.33 -0.10 -2.44
H2'' DNR D 4 5.71 -1.53 -1.46
H3' DNR D 4 7.52 0.81 -2.23
N1 5CM D 5 2.48 -4.00 -4.02
C2 5CM D 5 1.13 -4.04 -3.63
N3 5CM D 5 0.21 -3.14 -4.21
C4 5CM D 5 0.61 -2.28 -5.15
C5 5CM D 5 1.99 -2.14 -5.59
C5A 5CM D 5 2.43 -1.10 -6.62
C6 5CM D 5 2.91 -3.03 -4.97
O2 5CM D 5 0.71 -4.83 -2.79
N4 5CM D 5 -0.36 -1.46 -5.60
C1' 5CM D 5 3.45 -4.98 -3.49
C2' 5CM D 5 4.26 -5.76 -4.57
C3' 5CM D 5 5.73 -5.45 -4.30
C4' 5CM D 5 5.73 -4.90 -2.86
O4' 5CM D 5 4.45 -4.27 -2.73
O3' 5CM D 5 6.53 -6.61 -4.42
C5' 5CM D 5 6.88 -3.91 -2.54
O5' 5CM D 5 6.76 -2.75 -3.40
P 5CM D 5 8.02 -1.71 -3.53
OP1 5CM D 5 9.26 -2.44 -3.98
OP2 5CM D 5 7.62 -0.59 -4.45
H5A1 5CM D 5 2.18 -0.09 -6.30
H5A2 5CM D 5 1.92 -1.30 -7.58
H5A3 5CM D 5 3.50 -1.16 -6.79
H6 5CM D 5 3.99 -3.02 -5.16
HN41 5CM D 5 -1.26 -1.57 -5.19
HN42 5CM D 5 -0.15 -0.63 -6.09
H1' 5CM D 5 2.98 -5.71 -2.83
H2' 5CM D 5 3.98 -5.48 -5.59
H2'' 5CM D 5 4.06 -6.83 -4.47
H3' 5CM D 5 6.08 -4.67 -5.01
H4' 5CM D 5 5.78 -5.75 -2.16
HO3' 5CM D 5 7.47 -6.35 -4.33
H5' 5CM D 5 6.83 -3.60 -1.49
H5'' 5CM D 5 7.85 -4.39 -2.70
#